data_1HN0
#
_entry.id   1HN0
#
_cell.length_a   49.280
_cell.length_b   95.140
_cell.length_c   229.950
_cell.angle_alpha   90.00
_cell.angle_beta   90.00
_cell.angle_gamma   90.00
#
_symmetry.space_group_name_H-M   'P 21 21 21'
#
loop_
_entity.id
_entity.type
_entity.pdbx_description
1 polymer 'CHONDROITIN ABC LYASE I'
2 non-polymer 'SODIUM ION'
3 water water
#
_entity_poly.entity_id   1
_entity_poly.type   'polypeptide(L)'
_entity_poly.pdbx_seq_one_letter_code
;MPIFRFTALAMTLGLLSAPYNAMAATSNPAFDPKNLMQSEIYHFAQNNPLADFSSDKNSILTLSDKRSIMGNQSLLWKWK
GGSSFTLHKKLIVPTDKEASKAWGRSSTPVFSFWLYNEKPIDGYLTIDFGEKLISTSEAQAGFKVKLDFTGWRAVGVSLN
NDLENREMTLNATNTSSDGTQDSIGRSLGAKVDSIRFKAPSNVSQGEIYIDRIMFSVDDARYQWSDYQVKTRLSEPEIQF
HNVKPQLPVTPENLAAIDLIRQRLINEFVGGEKETNLALEENISKLKSDFDALNIHTLANGGTQGRHLITDKQIIIYQPE
NLNSQDKQLFDNYVILGNYTTLMFNISRAYVLEKDPTQKAQLKQMYLLMTKHLLDQGFVKGSALVTTHHWGYSSRWWYIS
TLLMSDALKEANLQTQVYDSLLWYSREFKSSFDMKVSADSSDLDYFNTLSRQHLALLLLEPDDQKRINLVNTFSHYITGA
LTQVPPGGKDGLRPDGTAWRHEGNYPGYSFPAFKNASQLIYLLRDTPFSVGESGWNNLKKAMVSAWIYSNPEVGLPLAGR
HPFNSPSLKSVAQGYYWLAMSAKSSPDKTLASIYLAISDKTQNESTAIFGETITPASLPQGFYAFNGGAFGIHRWQDKMV
TLKAYNTNVWSSEIYNKDNRYGRYQSHGVAQIVSNGSQLSQGYQQEGWDWNRMEGATTIHLPLKDLDSPKPHTLMQRGER
GFSGTSSLEGQYGMMAFNLIYPANLERFDPNFTAKKSVLAADNHLIFIGSNINSSDKNKNVETTLFQHAITPTLNTLWIN
GQKIENMPYQTTLQQGDWLIDSNGNGYLITQAEKVNVSRQHQVSAENKNRQPTEGNFSSAWIDHSTRPKDASYEYMVFLD
ATPEKMGEMAQKFRENNGLYQVLRKDKDVHIILDKLSNVTGYAFYQPASIEDKWIKKVNKPAIVMTHRQKDTLIVSAVTP
DLNMTRQKAATPVTINVTINGKWQSADKNSEVKYQVSGDNTELTFTSYFGIPQEIKLSPLP
;
_entity_poly.pdbx_strand_id   A
#
loop_
_chem_comp.id
_chem_comp.type
_chem_comp.name
_chem_comp.formula
NA non-polymer 'SODIUM ION' 'Na 1'
#
# COMPACT_ATOMS: atom_id res chain seq x y z
N ALA A 25 -31.22 -15.24 -24.69
CA ALA A 25 -31.83 -14.13 -25.50
C ALA A 25 -33.35 -14.11 -25.31
N THR A 26 -33.93 -12.91 -25.44
CA THR A 26 -35.40 -12.73 -25.32
C THR A 26 -36.01 -12.00 -26.53
N SER A 27 -37.33 -11.79 -26.47
CA SER A 27 -38.06 -11.14 -27.55
C SER A 27 -37.94 -9.63 -27.56
N ASN A 28 -37.40 -9.08 -26.47
CA ASN A 28 -37.27 -7.64 -26.32
C ASN A 28 -36.03 -7.15 -27.00
N PRO A 29 -36.02 -5.88 -27.38
CA PRO A 29 -34.85 -5.30 -27.99
C PRO A 29 -33.64 -5.28 -27.04
N ALA A 30 -32.45 -5.27 -27.61
CA ALA A 30 -31.26 -5.10 -26.81
C ALA A 30 -31.38 -3.70 -26.20
N PHE A 31 -31.04 -3.57 -24.91
CA PHE A 31 -31.04 -2.30 -24.19
C PHE A 31 -32.49 -1.80 -23.96
N ASP A 32 -33.30 -2.66 -23.36
CA ASP A 32 -34.75 -2.45 -23.23
C ASP A 32 -35.20 -1.83 -21.90
N PRO A 33 -36.09 -0.83 -21.95
CA PRO A 33 -36.33 0.06 -20.80
C PRO A 33 -36.84 -0.60 -19.51
N LYS A 34 -37.49 -1.75 -19.63
CA LYS A 34 -37.88 -2.56 -18.47
C LYS A 34 -36.65 -2.96 -17.62
N ASN A 35 -35.54 -3.23 -18.34
CA ASN A 35 -34.20 -3.35 -17.78
C ASN A 35 -33.14 -3.03 -18.84
N LEU A 36 -32.74 -1.76 -18.93
CA LEU A 36 -31.68 -1.34 -19.85
C LEU A 36 -30.37 -2.09 -19.53
N MET A 37 -30.12 -2.35 -18.25
CA MET A 37 -28.90 -3.05 -17.80
C MET A 37 -28.92 -4.58 -18.01
N GLN A 38 -30.02 -5.11 -18.55
CA GLN A 38 -30.14 -6.55 -18.77
C GLN A 38 -29.60 -6.92 -20.14
N SER A 39 -28.51 -7.68 -20.15
CA SER A 39 -27.85 -8.05 -21.39
C SER A 39 -28.70 -9.02 -22.22
N GLU A 40 -28.64 -8.83 -23.54
CA GLU A 40 -29.18 -9.80 -24.51
C GLU A 40 -28.02 -10.66 -24.98
N ILE A 41 -28.12 -11.97 -24.72
CA ILE A 41 -27.06 -12.93 -25.01
C ILE A 41 -27.51 -14.06 -25.97
N TYR A 42 -26.83 -14.19 -27.12
CA TYR A 42 -27.02 -15.36 -27.98
C TYR A 42 -26.03 -16.46 -27.64
N HIS A 43 -26.44 -17.34 -26.73
CA HIS A 43 -25.63 -18.47 -26.28
C HIS A 43 -26.18 -19.82 -26.75
N PHE A 44 -27.27 -19.78 -27.51
CA PHE A 44 -27.87 -20.95 -28.18
C PHE A 44 -28.36 -22.06 -27.30
N ALA A 45 -28.35 -21.86 -25.98
CA ALA A 45 -28.88 -22.87 -25.07
C ALA A 45 -30.34 -22.57 -24.69
N GLN A 46 -31.12 -22.29 -25.74
CA GLN A 46 -32.58 -22.11 -25.62
C GLN A 46 -33.29 -22.58 -26.90
N ASN A 47 -34.61 -22.49 -26.94
CA ASN A 47 -35.39 -23.06 -28.04
C ASN A 47 -35.55 -22.09 -29.18
N ASN A 48 -35.70 -22.65 -30.38
CA ASN A 48 -35.59 -21.91 -31.63
C ASN A 48 -34.23 -21.22 -31.71
N PRO A 49 -33.15 -21.97 -31.42
CA PRO A 49 -31.84 -21.34 -31.15
C PRO A 49 -31.45 -20.35 -32.23
N LEU A 50 -31.77 -20.65 -33.49
CA LEU A 50 -31.43 -19.79 -34.62
C LEU A 50 -32.63 -19.04 -35.26
N ALA A 51 -33.73 -18.91 -34.51
CA ALA A 51 -34.91 -18.16 -34.94
C ALA A 51 -34.54 -16.78 -35.49
N ASP A 52 -33.66 -16.07 -34.77
CA ASP A 52 -33.29 -14.71 -35.15
C ASP A 52 -32.19 -14.70 -36.20
N PHE A 53 -31.83 -15.88 -36.71
CA PHE A 53 -30.75 -15.98 -37.68
C PHE A 53 -31.26 -16.43 -39.06
N SER A 54 -30.81 -15.72 -40.10
CA SER A 54 -31.06 -16.12 -41.47
C SER A 54 -29.75 -16.19 -42.25
N SER A 55 -29.36 -17.40 -42.62
CA SER A 55 -28.07 -17.69 -43.28
C SER A 55 -27.93 -17.00 -44.63
N ASP A 56 -28.92 -17.25 -45.49
CA ASP A 56 -29.00 -16.66 -46.83
C ASP A 56 -27.69 -16.67 -47.64
N LYS A 57 -27.15 -15.48 -47.94
CA LYS A 57 -25.99 -15.33 -48.83
C LYS A 57 -24.99 -16.46 -48.63
N ASN A 58 -24.96 -17.42 -49.58
CA ASN A 58 -23.96 -18.50 -49.67
C ASN A 58 -23.36 -19.04 -48.35
N SER A 59 -24.22 -19.23 -47.35
CA SER A 59 -23.82 -19.71 -46.03
C SER A 59 -24.76 -20.79 -45.52
N ILE A 60 -24.24 -21.59 -44.58
CA ILE A 60 -24.97 -22.64 -43.90
C ILE A 60 -24.68 -22.49 -42.41
N LEU A 61 -25.74 -22.48 -41.59
CA LEU A 61 -25.58 -22.24 -40.14
C LEU A 61 -26.01 -23.45 -39.33
N THR A 62 -25.07 -24.04 -38.61
CA THR A 62 -25.35 -25.22 -37.80
C THR A 62 -24.96 -24.94 -36.36
N LEU A 63 -25.43 -25.77 -35.44
CA LEU A 63 -24.90 -25.78 -34.08
C LEU A 63 -23.94 -26.94 -33.90
N SER A 64 -22.80 -26.70 -33.27
CA SER A 64 -21.86 -27.76 -32.89
C SER A 64 -21.74 -27.80 -31.39
N ASP A 65 -21.49 -29.01 -30.86
CA ASP A 65 -21.30 -29.16 -29.43
C ASP A 65 -19.86 -29.56 -29.02
N LYS A 66 -18.93 -29.52 -29.95
CA LYS A 66 -17.56 -29.90 -29.60
C LYS A 66 -16.76 -28.74 -28.98
N ARG A 67 -17.35 -27.56 -29.00
CA ARG A 67 -16.67 -26.33 -28.61
C ARG A 67 -17.70 -25.28 -28.22
N SER A 68 -17.50 -24.61 -27.08
CA SER A 68 -18.37 -23.47 -26.74
C SER A 68 -17.89 -22.57 -25.61
N ILE A 69 -18.43 -21.35 -25.56
CA ILE A 69 -18.13 -20.40 -24.49
C ILE A 69 -19.18 -20.36 -23.36
N MET A 70 -20.43 -20.08 -23.71
CA MET A 70 -21.53 -20.15 -22.75
C MET A 70 -22.56 -21.20 -23.19
N GLY A 71 -22.98 -22.06 -22.28
CA GLY A 71 -23.80 -23.21 -22.64
C GLY A 71 -22.92 -24.37 -23.09
N ASN A 72 -23.48 -25.25 -23.92
CA ASN A 72 -22.73 -26.39 -24.46
C ASN A 72 -22.57 -26.40 -25.96
N GLN A 73 -23.21 -25.46 -26.65
CA GLN A 73 -23.14 -25.40 -28.11
C GLN A 73 -22.66 -24.07 -28.65
N SER A 74 -22.09 -24.10 -29.84
CA SER A 74 -21.71 -22.88 -30.54
C SER A 74 -22.25 -22.93 -31.96
N LEU A 75 -22.29 -21.78 -32.61
CA LEU A 75 -22.71 -21.67 -33.98
C LEU A 75 -21.55 -21.93 -34.95
N LEU A 76 -21.71 -22.99 -35.76
CA LEU A 76 -20.78 -23.27 -36.86
C LEU A 76 -21.25 -22.62 -38.16
N TRP A 77 -20.41 -21.76 -38.71
CA TRP A 77 -20.77 -20.97 -39.89
C TRP A 77 -19.86 -21.27 -41.12
N LYS A 78 -20.33 -22.13 -42.03
CA LYS A 78 -19.63 -22.42 -43.28
C LYS A 78 -20.00 -21.39 -44.34
N TRP A 79 -19.04 -20.97 -45.16
CA TRP A 79 -19.25 -19.85 -46.09
C TRP A 79 -18.36 -19.83 -47.35
N LYS A 80 -18.74 -19.00 -48.31
CA LYS A 80 -17.89 -18.67 -49.44
C LYS A 80 -17.64 -17.17 -49.39
N GLY A 81 -16.52 -16.75 -49.97
CA GLY A 81 -16.10 -15.36 -49.96
C GLY A 81 -17.17 -14.33 -50.24
N GLY A 82 -17.22 -13.29 -49.40
CA GLY A 82 -18.17 -12.21 -49.56
C GLY A 82 -19.61 -12.54 -49.22
N SER A 83 -19.83 -13.74 -48.70
CA SER A 83 -21.14 -14.20 -48.26
C SER A 83 -21.43 -13.73 -46.82
N SER A 84 -22.71 -13.78 -46.40
CA SER A 84 -23.10 -13.28 -45.06
C SER A 84 -24.27 -14.02 -44.38
N PHE A 85 -24.33 -13.92 -43.06
CA PHE A 85 -25.52 -14.29 -42.29
C PHE A 85 -25.97 -13.10 -41.43
N THR A 86 -27.21 -13.15 -40.96
CA THR A 86 -27.79 -11.99 -40.29
C THR A 86 -28.47 -12.35 -38.99
N LEU A 87 -28.18 -11.53 -37.98
CA LEU A 87 -28.85 -11.59 -36.69
C LEU A 87 -29.94 -10.53 -36.71
N HIS A 88 -31.19 -10.98 -36.57
CA HIS A 88 -32.34 -10.08 -36.60
C HIS A 88 -32.69 -9.78 -35.16
N LYS A 89 -32.34 -8.56 -34.75
CA LYS A 89 -32.57 -8.14 -33.36
C LYS A 89 -32.63 -6.63 -33.26
N LYS A 90 -33.73 -6.13 -32.73
CA LYS A 90 -33.91 -4.69 -32.56
C LYS A 90 -33.01 -4.23 -31.42
N LEU A 91 -32.35 -3.10 -31.61
CA LEU A 91 -31.54 -2.50 -30.54
C LEU A 91 -31.98 -1.07 -30.34
N ILE A 92 -32.32 -0.73 -29.11
CA ILE A 92 -32.53 0.67 -28.78
C ILE A 92 -31.28 1.12 -28.03
N VAL A 93 -30.31 1.57 -28.81
CA VAL A 93 -28.97 1.82 -28.32
C VAL A 93 -28.97 3.13 -27.56
N PRO A 94 -28.62 3.06 -26.26
CA PRO A 94 -28.56 4.25 -25.41
C PRO A 94 -27.34 5.08 -25.77
N THR A 95 -27.40 6.39 -25.52
CA THR A 95 -26.20 7.23 -25.59
C THR A 95 -25.28 6.86 -24.42
N ASP A 96 -24.01 7.20 -24.51
CA ASP A 96 -23.11 7.04 -23.36
C ASP A 96 -23.69 7.68 -22.08
N LYS A 97 -24.32 8.86 -22.20
CA LYS A 97 -25.02 9.49 -21.05
C LYS A 97 -26.11 8.62 -20.45
N GLU A 98 -27.03 8.14 -21.28
CA GLU A 98 -28.12 7.28 -20.83
C GLU A 98 -27.61 6.02 -20.15
N ALA A 99 -26.65 5.36 -20.80
CA ALA A 99 -25.97 4.20 -20.25
C ALA A 99 -25.31 4.53 -18.90
N SER A 100 -24.53 5.60 -18.84
CA SER A 100 -23.87 5.99 -17.60
C SER A 100 -24.85 6.30 -16.45
N LYS A 101 -25.95 7.00 -16.76
CA LYS A 101 -27.02 7.27 -15.80
C LYS A 101 -27.62 5.99 -15.27
N ALA A 102 -27.83 5.03 -16.17
CA ALA A 102 -28.43 3.76 -15.79
C ALA A 102 -27.54 2.95 -14.85
N TRP A 103 -26.23 3.03 -15.07
CA TRP A 103 -25.29 2.24 -14.26
C TRP A 103 -24.75 2.99 -13.04
N GLY A 104 -24.31 4.24 -13.23
CA GLY A 104 -23.80 5.04 -12.14
C GLY A 104 -22.33 5.40 -12.28
N ARG A 105 -21.76 5.05 -13.43
CA ARG A 105 -20.39 5.43 -13.76
C ARG A 105 -20.33 5.48 -15.26
N SER A 106 -19.25 6.02 -15.80
CA SER A 106 -19.12 6.29 -17.22
C SER A 106 -19.15 4.97 -18.03
N SER A 107 -20.11 4.88 -18.96
CA SER A 107 -20.48 3.61 -19.59
C SER A 107 -20.72 3.80 -21.07
N THR A 108 -20.86 2.69 -21.78
CA THR A 108 -21.18 2.72 -23.20
C THR A 108 -21.85 1.39 -23.57
N PRO A 109 -22.81 1.43 -24.50
CA PRO A 109 -23.42 0.20 -25.03
C PRO A 109 -22.39 -0.58 -25.87
N VAL A 110 -22.26 -1.88 -25.60
CA VAL A 110 -21.21 -2.65 -26.26
C VAL A 110 -21.80 -3.88 -26.94
N PHE A 111 -21.27 -4.17 -28.12
CA PHE A 111 -21.56 -5.42 -28.80
C PHE A 111 -20.34 -6.33 -28.66
N SER A 112 -20.54 -7.56 -28.19
CA SER A 112 -19.41 -8.49 -28.08
C SER A 112 -19.75 -9.93 -28.45
N PHE A 113 -18.76 -10.68 -28.92
CA PHE A 113 -18.93 -12.12 -29.09
C PHE A 113 -17.57 -12.85 -29.06
N TRP A 114 -17.62 -14.17 -29.08
CA TRP A 114 -16.43 -15.00 -29.17
C TRP A 114 -16.45 -15.78 -30.48
N LEU A 115 -15.29 -15.95 -31.11
CA LEU A 115 -15.16 -16.72 -32.37
C LEU A 115 -13.95 -17.63 -32.28
N TYR A 116 -14.02 -18.78 -32.97
CA TYR A 116 -12.95 -19.77 -32.99
C TYR A 116 -12.55 -20.11 -34.41
N ASN A 117 -11.24 -20.02 -34.72
CA ASN A 117 -10.69 -20.53 -35.98
C ASN A 117 -9.89 -21.80 -35.72
N GLU A 118 -10.11 -22.81 -36.56
CA GLU A 118 -9.32 -24.04 -36.49
C GLU A 118 -8.06 -23.89 -37.35
N LYS A 119 -8.09 -22.93 -38.27
CA LYS A 119 -6.93 -22.55 -39.05
C LYS A 119 -7.03 -21.07 -39.36
N PRO A 120 -5.88 -20.41 -39.54
CA PRO A 120 -5.86 -18.97 -39.86
C PRO A 120 -6.46 -18.57 -41.22
N ILE A 121 -7.10 -17.42 -41.26
CA ILE A 121 -7.73 -16.93 -42.49
C ILE A 121 -7.12 -15.60 -42.93
N ASP A 122 -6.65 -15.55 -44.19
CA ASP A 122 -5.98 -14.36 -44.74
C ASP A 122 -6.98 -13.29 -45.21
N GLY A 123 -7.76 -12.76 -44.27
CA GLY A 123 -8.80 -11.79 -44.57
C GLY A 123 -9.50 -11.28 -43.33
N TYR A 124 -10.58 -10.52 -43.54
CA TYR A 124 -11.33 -9.83 -42.50
C TYR A 124 -12.80 -10.25 -42.46
N LEU A 125 -13.35 -10.40 -41.25
CA LEU A 125 -14.78 -10.49 -41.04
C LEU A 125 -15.32 -9.05 -40.93
N THR A 126 -16.45 -8.80 -41.60
CA THR A 126 -17.13 -7.50 -41.53
C THR A 126 -18.46 -7.65 -40.81
N ILE A 127 -18.63 -6.89 -39.73
CA ILE A 127 -19.85 -6.91 -38.93
C ILE A 127 -20.54 -5.57 -39.17
N ASP A 128 -21.78 -5.64 -39.64
CA ASP A 128 -22.55 -4.44 -40.00
C ASP A 128 -23.86 -4.31 -39.22
N PHE A 129 -24.23 -3.07 -38.96
CA PHE A 129 -25.41 -2.73 -38.18
C PHE A 129 -26.31 -1.85 -39.02
N GLY A 130 -27.55 -2.27 -39.16
CA GLY A 130 -28.46 -1.50 -39.97
C GLY A 130 -29.91 -1.88 -39.79
N GLU A 131 -30.74 -1.22 -40.58
CA GLU A 131 -32.19 -1.32 -40.46
C GLU A 131 -32.69 -2.67 -40.94
N LYS A 132 -32.92 -2.81 -42.24
CA LYS A 132 -33.42 -4.09 -42.76
C LYS A 132 -32.42 -4.70 -43.72
N LEU A 133 -31.26 -5.07 -43.17
CA LEU A 133 -30.10 -5.42 -43.98
C LEU A 133 -30.24 -6.77 -44.66
N ILE A 134 -30.12 -6.74 -45.98
CA ILE A 134 -29.81 -7.95 -46.75
C ILE A 134 -28.41 -7.78 -47.36
N SER A 135 -27.97 -8.75 -48.15
CA SER A 135 -26.62 -8.74 -48.71
C SER A 135 -26.34 -7.55 -49.65
N THR A 136 -27.39 -7.05 -50.29
CA THR A 136 -27.24 -5.98 -51.29
C THR A 136 -27.25 -4.58 -50.67
N SER A 137 -27.72 -4.51 -49.42
CA SER A 137 -27.74 -3.26 -48.67
C SER A 137 -26.32 -2.79 -48.40
N GLU A 138 -26.18 -1.49 -48.10
CA GLU A 138 -24.88 -0.92 -47.76
C GLU A 138 -24.91 -0.47 -46.30
N ALA A 139 -25.63 0.64 -46.08
CA ALA A 139 -26.30 0.96 -44.82
C ALA A 139 -25.48 1.06 -43.52
N GLN A 140 -25.18 2.31 -43.14
CA GLN A 140 -24.91 2.75 -41.76
C GLN A 140 -23.47 2.63 -41.23
N ALA A 141 -23.22 1.63 -40.39
CA ALA A 141 -21.98 1.53 -39.62
C ALA A 141 -21.63 0.07 -39.33
N GLY A 142 -20.35 -0.19 -39.13
CA GLY A 142 -19.90 -1.52 -38.75
C GLY A 142 -18.41 -1.52 -38.45
N PHE A 143 -17.83 -2.72 -38.28
CA PHE A 143 -16.40 -2.85 -37.99
C PHE A 143 -15.77 -4.13 -38.58
N LYS A 144 -14.43 -4.19 -38.57
CA LYS A 144 -13.65 -5.27 -39.17
C LYS A 144 -12.94 -6.10 -38.09
N VAL A 145 -12.94 -7.44 -38.24
CA VAL A 145 -12.25 -8.36 -37.34
C VAL A 145 -11.24 -9.22 -38.13
N LYS A 146 -9.94 -8.95 -37.97
CA LYS A 146 -8.91 -9.75 -38.68
C LYS A 146 -8.96 -11.21 -38.21
N LEU A 147 -8.89 -12.13 -39.16
CA LEU A 147 -9.06 -13.56 -38.87
C LEU A 147 -7.75 -14.39 -38.95
N ASP A 148 -6.61 -13.73 -39.05
CA ASP A 148 -5.32 -14.43 -39.19
C ASP A 148 -4.84 -14.92 -37.83
N PHE A 149 -5.54 -15.91 -37.28
CA PHE A 149 -5.24 -16.49 -35.98
C PHE A 149 -5.90 -17.83 -35.84
N THR A 150 -5.61 -18.51 -34.74
CA THR A 150 -6.13 -19.80 -34.41
C THR A 150 -6.57 -19.83 -32.91
N GLY A 151 -7.61 -20.62 -32.56
CA GLY A 151 -8.13 -20.67 -31.19
C GLY A 151 -9.23 -19.63 -30.93
N TRP A 152 -9.78 -19.59 -29.72
CA TRP A 152 -10.82 -18.58 -29.35
C TRP A 152 -10.23 -17.17 -29.28
N ARG A 153 -10.99 -16.20 -29.79
CA ARG A 153 -10.75 -14.77 -29.51
C ARG A 153 -12.07 -14.14 -29.04
N ALA A 154 -11.98 -13.09 -28.21
CA ALA A 154 -13.13 -12.23 -27.90
C ALA A 154 -13.07 -10.91 -28.68
N VAL A 155 -14.24 -10.40 -29.07
CA VAL A 155 -14.37 -9.14 -29.79
C VAL A 155 -15.38 -8.33 -28.99
N GLY A 156 -15.10 -7.03 -28.82
CA GLY A 156 -15.95 -6.15 -28.04
C GLY A 156 -15.74 -4.72 -28.47
N VAL A 157 -16.83 -4.07 -28.88
CA VAL A 157 -16.77 -2.71 -29.40
C VAL A 157 -17.88 -1.85 -28.83
N SER A 158 -17.58 -0.56 -28.63
CA SER A 158 -18.60 0.42 -28.25
C SER A 158 -19.44 0.78 -29.48
N LEU A 159 -20.74 0.51 -29.41
CA LEU A 159 -21.66 0.87 -30.49
C LEU A 159 -21.70 2.38 -30.82
N ASN A 160 -21.41 3.22 -29.83
CA ASN A 160 -21.47 4.67 -30.01
C ASN A 160 -20.14 5.24 -30.48
N ASN A 161 -19.06 4.51 -30.23
CA ASN A 161 -17.71 5.06 -30.35
C ASN A 161 -16.75 4.27 -31.28
N ASP A 162 -17.03 2.99 -31.48
CA ASP A 162 -16.09 2.10 -32.20
C ASP A 162 -16.45 1.72 -33.64
N LEU A 163 -17.47 2.32 -34.22
CA LEU A 163 -17.89 1.92 -35.58
C LEU A 163 -17.37 2.87 -36.67
N GLU A 164 -17.09 2.32 -37.86
CA GLU A 164 -16.74 3.13 -39.04
C GLU A 164 -18.02 3.57 -39.74
N ASN A 165 -18.12 4.85 -40.03
CA ASN A 165 -19.35 5.44 -40.61
C ASN A 165 -19.74 4.91 -42.00
N VAL A 192 -31.90 0.38 -35.77
CA VAL A 192 -31.12 -0.82 -36.13
C VAL A 192 -31.88 -2.06 -35.68
N ASP A 193 -32.05 -3.02 -36.58
CA ASP A 193 -32.62 -4.31 -36.19
C ASP A 193 -31.89 -5.46 -36.88
N SER A 194 -30.84 -5.11 -37.60
CA SER A 194 -30.08 -6.10 -38.35
C SER A 194 -28.58 -6.04 -38.01
N ILE A 195 -28.02 -7.19 -37.64
CA ILE A 195 -26.56 -7.29 -37.46
C ILE A 195 -26.00 -8.26 -38.49
N ARG A 196 -25.27 -7.73 -39.48
CA ARG A 196 -24.80 -8.56 -40.59
C ARG A 196 -23.31 -8.92 -40.47
N PHE A 197 -23.04 -10.23 -40.43
CA PHE A 197 -21.69 -10.80 -40.39
C PHE A 197 -21.28 -11.24 -41.79
N LYS A 198 -20.38 -10.50 -42.43
CA LYS A 198 -19.95 -10.75 -43.83
C LYS A 198 -18.49 -11.28 -43.97
N ALA A 199 -18.38 -12.54 -44.36
CA ALA A 199 -17.09 -13.19 -44.63
C ALA A 199 -16.20 -12.45 -45.65
N PRO A 200 -14.86 -12.62 -45.54
CA PRO A 200 -13.92 -11.90 -46.41
C PRO A 200 -14.22 -12.09 -47.92
N SER A 201 -14.11 -11.01 -48.69
CA SER A 201 -14.43 -10.99 -50.13
C SER A 201 -13.36 -11.66 -50.97
N ASN A 202 -12.13 -11.62 -50.46
CA ASN A 202 -10.97 -12.07 -51.20
C ASN A 202 -10.45 -13.44 -50.74
N VAL A 203 -11.36 -14.24 -50.19
CA VAL A 203 -11.02 -15.60 -49.74
C VAL A 203 -12.07 -16.52 -50.31
N SER A 204 -11.62 -17.60 -50.96
CA SER A 204 -12.52 -18.49 -51.71
C SER A 204 -13.61 -19.13 -50.84
N GLN A 205 -13.21 -19.72 -49.72
CA GLN A 205 -14.14 -20.31 -48.76
C GLN A 205 -13.52 -20.49 -47.37
N GLY A 206 -14.31 -20.99 -46.42
CA GLY A 206 -13.87 -21.16 -45.05
C GLY A 206 -14.98 -21.43 -44.03
N GLU A 207 -14.61 -21.34 -42.76
CA GLU A 207 -15.39 -21.91 -41.66
C GLU A 207 -15.03 -21.27 -40.28
N ILE A 208 -16.02 -20.63 -39.65
CA ILE A 208 -15.85 -19.95 -38.34
C ILE A 208 -16.90 -20.43 -37.33
N TYR A 209 -16.45 -20.66 -36.11
CA TYR A 209 -17.33 -20.89 -34.95
C TYR A 209 -17.55 -19.54 -34.23
N ILE A 210 -18.78 -19.28 -33.77
CA ILE A 210 -19.15 -18.02 -33.10
C ILE A 210 -19.96 -18.39 -31.88
N ASP A 211 -19.69 -17.77 -30.73
CA ASP A 211 -20.51 -17.99 -29.55
C ASP A 211 -20.73 -16.69 -28.78
N ARG A 212 -21.72 -16.73 -27.88
CA ARG A 212 -22.00 -15.67 -26.92
C ARG A 212 -21.98 -14.27 -27.54
N ILE A 213 -22.79 -14.08 -28.59
CA ILE A 213 -23.12 -12.77 -29.14
C ILE A 213 -23.88 -11.96 -28.07
N MET A 214 -23.40 -10.77 -27.72
CA MET A 214 -23.95 -10.07 -26.55
C MET A 214 -24.08 -8.56 -26.76
N PHE A 215 -25.22 -8.01 -26.29
CA PHE A 215 -25.46 -6.57 -26.21
C PHE A 215 -25.49 -6.25 -24.73
N SER A 216 -24.66 -5.30 -24.31
CA SER A 216 -24.53 -5.06 -22.89
C SER A 216 -24.10 -3.65 -22.66
N VAL A 217 -24.22 -3.24 -21.40
CA VAL A 217 -23.70 -1.96 -20.97
C VAL A 217 -22.39 -2.25 -20.24
N ASP A 218 -21.34 -1.55 -20.65
CA ASP A 218 -20.01 -1.82 -20.11
C ASP A 218 -19.36 -0.54 -19.67
N ASP A 219 -18.38 -0.69 -18.79
CA ASP A 219 -17.47 0.39 -18.41
C ASP A 219 -16.81 1.00 -19.64
N ALA A 220 -16.87 2.33 -19.78
CA ALA A 220 -16.41 2.94 -21.02
C ALA A 220 -14.89 2.93 -21.18
N ARG A 221 -14.17 2.51 -20.14
CA ARG A 221 -12.72 2.46 -20.23
C ARG A 221 -12.17 1.20 -20.91
N TYR A 222 -12.99 0.15 -21.04
CA TYR A 222 -12.43 -1.20 -21.15
C TYR A 222 -12.83 -2.03 -22.39
N GLN A 223 -12.88 -1.36 -23.55
CA GLN A 223 -12.82 -2.09 -24.84
C GLN A 223 -11.48 -1.77 -25.53
N TRP A 224 -10.56 -2.71 -25.41
CA TRP A 224 -9.18 -2.53 -25.85
C TRP A 224 -8.97 -3.13 -27.23
N SER A 225 -8.15 -2.45 -28.03
CA SER A 225 -7.69 -2.90 -29.35
C SER A 225 -6.70 -4.04 -29.24
N ASP A 226 -6.58 -4.82 -30.31
CA ASP A 226 -5.61 -5.92 -30.33
C ASP A 226 -5.29 -6.27 -31.77
N TYR A 227 -4.80 -7.48 -32.01
CA TYR A 227 -4.37 -7.88 -33.36
C TYR A 227 -5.56 -8.19 -34.27
N GLN A 228 -6.75 -8.35 -33.70
CA GLN A 228 -7.99 -8.65 -34.47
C GLN A 228 -8.90 -7.45 -34.70
N VAL A 229 -9.08 -6.61 -33.68
CA VAL A 229 -10.00 -5.46 -33.79
C VAL A 229 -9.31 -4.17 -33.32
N LYS A 230 -9.52 -3.09 -34.05
CA LYS A 230 -9.08 -1.75 -33.56
C LYS A 230 -10.25 -1.01 -32.88
N THR A 231 -10.06 -0.59 -31.63
CA THR A 231 -11.04 0.27 -30.96
C THR A 231 -10.41 1.64 -30.76
N ARG A 232 -11.16 2.54 -30.11
CA ARG A 232 -10.64 3.86 -29.74
C ARG A 232 -9.59 3.80 -28.59
N LEU A 233 -9.38 2.61 -28.03
CA LEU A 233 -8.50 2.42 -26.86
C LEU A 233 -7.41 1.35 -27.12
N SER A 234 -6.20 1.62 -26.63
CA SER A 234 -5.04 0.77 -26.86
C SER A 234 -4.11 0.87 -25.66
N GLU A 235 -3.69 -0.28 -25.16
CA GLU A 235 -2.60 -0.36 -24.18
C GLU A 235 -1.38 -0.80 -24.98
N PRO A 236 -0.42 0.10 -25.20
CA PRO A 236 0.79 -0.21 -26.01
C PRO A 236 1.63 -1.33 -25.41
N GLU A 237 2.28 -2.13 -26.26
CA GLU A 237 3.07 -3.28 -25.79
C GLU A 237 4.34 -2.84 -25.06
N ILE A 238 4.87 -3.71 -24.19
CA ILE A 238 6.14 -3.47 -23.55
C ILE A 238 7.25 -3.25 -24.57
N GLN A 239 8.12 -2.29 -24.28
CA GLN A 239 9.34 -2.06 -25.05
C GLN A 239 10.48 -2.04 -24.05
N PHE A 240 11.21 -3.14 -23.94
CA PHE A 240 12.23 -3.26 -22.93
C PHE A 240 13.43 -2.28 -23.08
N HIS A 241 13.70 -1.53 -22.02
CA HIS A 241 14.97 -0.81 -21.89
C HIS A 241 16.11 -1.83 -21.86
N ASN A 242 17.32 -1.41 -22.22
CA ASN A 242 18.47 -2.28 -22.15
C ASN A 242 19.70 -1.48 -21.77
N VAL A 243 20.38 -1.91 -20.72
CA VAL A 243 21.55 -1.21 -20.20
C VAL A 243 22.83 -1.68 -20.87
N LYS A 244 23.74 -0.74 -21.16
CA LYS A 244 25.06 -1.10 -21.70
C LYS A 244 26.16 -0.85 -20.65
N PRO A 245 27.26 -1.60 -20.69
CA PRO A 245 27.53 -2.66 -21.69
C PRO A 245 26.77 -3.96 -21.36
N GLN A 246 26.54 -4.81 -22.34
CA GLN A 246 25.86 -6.07 -22.09
C GLN A 246 26.80 -7.09 -21.43
N LEU A 247 26.23 -7.92 -20.58
CA LEU A 247 26.90 -9.13 -20.10
C LEU A 247 26.86 -10.19 -21.19
N PRO A 248 27.99 -10.89 -21.39
CA PRO A 248 28.06 -11.96 -22.40
C PRO A 248 27.37 -13.27 -21.93
N VAL A 249 26.82 -14.03 -22.88
CA VAL A 249 26.45 -15.41 -22.59
C VAL A 249 27.78 -16.15 -22.36
N THR A 250 27.98 -16.59 -21.11
CA THR A 250 29.10 -17.48 -20.74
C THR A 250 28.56 -18.55 -19.81
N PRO A 251 29.30 -19.65 -19.60
CA PRO A 251 28.84 -20.64 -18.62
C PRO A 251 28.54 -19.99 -17.25
N GLU A 252 29.41 -19.10 -16.76
CA GLU A 252 29.19 -18.41 -15.47
C GLU A 252 27.88 -17.62 -15.47
N ASN A 253 27.69 -16.79 -16.49
CA ASN A 253 26.49 -15.93 -16.50
C ASN A 253 25.22 -16.75 -16.66
N LEU A 254 25.28 -17.78 -17.51
CA LEU A 254 24.12 -18.69 -17.66
C LEU A 254 23.79 -19.44 -16.36
N ALA A 255 24.82 -19.89 -15.67
CA ALA A 255 24.64 -20.59 -14.39
C ALA A 255 23.99 -19.68 -13.36
N ALA A 256 24.42 -18.41 -13.35
CA ALA A 256 23.90 -17.45 -12.37
C ALA A 256 22.41 -17.21 -12.64
N ILE A 257 22.04 -17.10 -13.90
CA ILE A 257 20.63 -17.01 -14.26
C ILE A 257 19.85 -18.21 -13.74
N ASP A 258 20.38 -19.42 -13.95
CA ASP A 258 19.70 -20.65 -13.55
C ASP A 258 19.62 -20.77 -12.06
N LEU A 259 20.61 -20.18 -11.38
CA LEU A 259 20.63 -20.21 -9.91
C LEU A 259 19.56 -19.29 -9.36
N ILE A 260 19.34 -18.15 -10.01
CA ILE A 260 18.31 -17.20 -9.60
C ILE A 260 16.96 -17.89 -9.75
N ARG A 261 16.76 -18.59 -10.86
CA ARG A 261 15.50 -19.34 -11.03
C ARG A 261 15.36 -20.38 -9.92
N GLN A 262 16.40 -21.16 -9.69
CA GLN A 262 16.35 -22.13 -8.59
C GLN A 262 16.02 -21.51 -7.21
N ARG A 263 16.64 -20.37 -6.89
CA ARG A 263 16.39 -19.67 -5.63
C ARG A 263 14.93 -19.26 -5.51
N LEU A 264 14.35 -18.83 -6.64
CA LEU A 264 12.94 -18.51 -6.64
C LEU A 264 12.04 -19.71 -6.38
N ILE A 265 12.31 -20.80 -7.13
CA ILE A 265 11.66 -22.09 -6.84
C ILE A 265 11.74 -22.43 -5.35
N ASN A 266 12.96 -22.42 -4.80
CA ASN A 266 13.16 -22.69 -3.37
C ASN A 266 12.17 -21.93 -2.48
N GLU A 267 12.10 -20.60 -2.67
CA GLU A 267 11.22 -19.74 -1.86
C GLU A 267 9.77 -20.17 -2.00
N PHE A 268 9.34 -20.48 -3.22
CA PHE A 268 7.94 -20.83 -3.45
C PHE A 268 7.53 -22.27 -3.11
N VAL A 269 8.49 -23.16 -2.85
CA VAL A 269 8.15 -24.54 -2.46
C VAL A 269 8.47 -24.90 -1.02
N GLY A 270 9.30 -24.10 -0.36
CA GLY A 270 9.89 -24.51 0.92
C GLY A 270 9.30 -23.89 2.18
N GLY A 271 7.97 -23.90 2.24
CA GLY A 271 7.26 -23.25 3.33
C GLY A 271 7.03 -21.79 3.00
N GLU A 272 7.65 -20.92 3.82
CA GLU A 272 7.36 -19.45 3.98
C GLU A 272 6.03 -18.91 3.38
N LYS A 273 5.03 -18.65 4.25
CA LYS A 273 3.68 -18.31 3.82
C LYS A 273 3.57 -16.99 3.05
N GLU A 274 3.20 -17.10 1.77
CA GLU A 274 2.99 -15.92 0.94
C GLU A 274 1.65 -15.31 1.29
N THR A 275 1.60 -13.98 1.39
CA THR A 275 0.32 -13.30 1.52
C THR A 275 -0.42 -13.37 0.17
N ASN A 276 -1.73 -13.55 0.24
CA ASN A 276 -2.55 -13.52 -0.97
C ASN A 276 -2.26 -14.68 -1.94
N LEU A 277 -1.82 -15.79 -1.36
CA LEU A 277 -1.66 -17.05 -2.06
C LEU A 277 -2.47 -18.10 -1.28
N ALA A 278 -3.50 -18.65 -1.90
CA ALA A 278 -4.31 -19.67 -1.23
C ALA A 278 -3.62 -21.01 -1.41
N LEU A 279 -2.65 -21.28 -0.52
CA LEU A 279 -1.82 -22.47 -0.63
C LEU A 279 -2.66 -23.72 -0.45
N GLU A 280 -2.46 -24.70 -1.33
CA GLU A 280 -3.04 -26.02 -1.16
C GLU A 280 -2.00 -27.11 -1.45
N GLU A 281 -1.63 -27.86 -0.40
CA GLU A 281 -0.59 -28.90 -0.52
C GLU A 281 -1.15 -30.32 -0.60
N ASN A 282 -2.43 -30.47 -0.29
CA ASN A 282 -3.00 -31.79 -0.38
C ASN A 282 -3.31 -32.17 -1.83
N ILE A 283 -2.61 -33.17 -2.34
CA ILE A 283 -2.70 -33.57 -3.75
C ILE A 283 -4.09 -34.00 -4.16
N SER A 284 -4.76 -34.71 -3.25
CA SER A 284 -6.12 -35.16 -3.50
C SER A 284 -7.05 -33.96 -3.77
N LYS A 285 -6.94 -32.91 -2.96
CA LYS A 285 -7.68 -31.66 -3.18
C LYS A 285 -7.36 -31.07 -4.54
N LEU A 286 -6.08 -31.10 -4.95
CA LEU A 286 -5.66 -30.54 -6.25
C LEU A 286 -6.26 -31.33 -7.41
N LYS A 287 -6.28 -32.66 -7.26
CA LYS A 287 -6.86 -33.53 -8.29
C LYS A 287 -8.35 -33.29 -8.39
N SER A 288 -8.97 -33.07 -7.23
CA SER A 288 -10.40 -32.84 -7.14
C SER A 288 -10.77 -31.53 -7.87
N ASP A 289 -10.16 -30.41 -7.48
CA ASP A 289 -10.46 -29.14 -8.18
C ASP A 289 -10.14 -29.25 -9.66
N PHE A 290 -9.06 -29.93 -10.02
CA PHE A 290 -8.69 -30.03 -11.44
C PHE A 290 -9.73 -30.79 -12.27
N ASP A 291 -10.23 -31.91 -11.73
CA ASP A 291 -11.20 -32.71 -12.47
C ASP A 291 -12.45 -31.88 -12.73
N ALA A 292 -12.88 -31.13 -11.72
CA ALA A 292 -14.08 -30.29 -11.82
C ALA A 292 -13.98 -29.27 -12.95
N LEU A 293 -12.78 -29.07 -13.49
CA LEU A 293 -12.61 -28.17 -14.63
C LEU A 293 -13.17 -28.77 -15.93
N ASN A 294 -13.39 -30.09 -15.91
CA ASN A 294 -13.90 -30.84 -17.07
C ASN A 294 -13.17 -30.55 -18.39
N ILE A 295 -11.84 -30.52 -18.35
CA ILE A 295 -11.05 -30.25 -19.54
C ILE A 295 -10.70 -31.54 -20.31
N HIS A 296 -10.97 -31.53 -21.61
CA HIS A 296 -10.61 -32.62 -22.52
C HIS A 296 -9.95 -31.99 -23.75
N THR A 297 -8.86 -32.62 -24.21
CA THR A 297 -8.23 -32.30 -25.50
C THR A 297 -9.14 -32.72 -26.65
N LEU A 298 -9.15 -31.92 -27.71
CA LEU A 298 -9.86 -32.28 -28.93
C LEU A 298 -8.86 -32.79 -29.94
N ALA A 299 -9.27 -33.83 -30.68
CA ALA A 299 -8.36 -34.58 -31.56
C ALA A 299 -7.55 -33.73 -32.52
N ASN A 300 -8.19 -32.72 -33.11
CA ASN A 300 -7.57 -31.90 -34.15
C ASN A 300 -7.12 -30.50 -33.66
N GLY A 301 -6.79 -30.39 -32.37
CA GLY A 301 -6.35 -29.12 -31.82
C GLY A 301 -7.40 -28.44 -30.96
N GLY A 302 -6.94 -27.83 -29.85
CA GLY A 302 -7.83 -27.14 -28.94
C GLY A 302 -8.24 -28.03 -27.79
N THR A 303 -9.03 -27.45 -26.89
CA THR A 303 -9.60 -28.16 -25.76
C THR A 303 -11.09 -27.83 -25.70
N GLN A 304 -11.81 -28.52 -24.81
CA GLN A 304 -13.14 -28.11 -24.36
C GLN A 304 -13.12 -28.28 -22.85
N GLY A 305 -13.66 -27.29 -22.15
CA GLY A 305 -13.68 -27.30 -20.72
C GLY A 305 -14.39 -26.05 -20.28
N ARG A 306 -14.46 -25.86 -18.98
CA ARG A 306 -15.16 -24.69 -18.44
C ARG A 306 -14.47 -23.40 -18.90
N HIS A 307 -15.28 -22.40 -19.25
CA HIS A 307 -14.78 -21.11 -19.75
C HIS A 307 -14.09 -20.33 -18.64
N LEU A 308 -12.97 -19.68 -19.00
CA LEU A 308 -12.17 -18.95 -18.02
C LEU A 308 -12.44 -17.46 -18.20
N ILE A 309 -12.63 -16.77 -17.08
CA ILE A 309 -12.94 -15.35 -17.12
C ILE A 309 -12.29 -14.70 -15.91
N THR A 310 -11.74 -13.49 -16.08
CA THR A 310 -11.19 -12.80 -14.91
C THR A 310 -12.28 -12.09 -14.12
N ASP A 311 -11.98 -11.82 -12.86
CA ASP A 311 -12.84 -11.04 -11.97
C ASP A 311 -13.27 -9.68 -12.56
N LYS A 312 -12.46 -9.07 -13.42
CA LYS A 312 -12.81 -7.75 -13.99
C LYS A 312 -13.56 -7.93 -15.30
N GLN A 313 -13.25 -8.99 -16.03
CA GLN A 313 -13.93 -9.25 -17.30
C GLN A 313 -15.43 -9.43 -17.11
N ILE A 314 -15.84 -10.00 -15.98
CA ILE A 314 -17.25 -10.32 -15.73
C ILE A 314 -18.17 -9.08 -15.87
N ILE A 315 -17.62 -7.88 -15.66
CA ILE A 315 -18.35 -6.62 -15.70
C ILE A 315 -19.13 -6.41 -16.99
N ILE A 316 -18.56 -6.84 -18.12
CA ILE A 316 -19.22 -6.75 -19.42
C ILE A 316 -20.62 -7.41 -19.51
N TYR A 317 -20.84 -8.46 -18.76
CA TYR A 317 -22.15 -9.15 -18.67
C TYR A 317 -23.16 -8.37 -17.86
N GLN A 318 -22.66 -7.49 -16.98
CA GLN A 318 -23.48 -6.90 -15.92
C GLN A 318 -24.18 -8.00 -15.14
N PRO A 319 -23.40 -8.86 -14.47
CA PRO A 319 -23.90 -10.11 -13.88
C PRO A 319 -25.17 -9.96 -13.05
N GLU A 320 -25.22 -8.93 -12.19
CA GLU A 320 -26.33 -8.76 -11.26
C GLU A 320 -27.65 -8.41 -11.96
N ASN A 321 -27.59 -8.04 -13.23
CA ASN A 321 -28.76 -7.71 -14.02
C ASN A 321 -29.08 -8.74 -15.10
N LEU A 322 -28.35 -9.87 -15.13
CA LEU A 322 -28.64 -10.93 -16.10
C LEU A 322 -29.99 -11.59 -15.79
N ASN A 323 -30.71 -12.00 -16.83
CA ASN A 323 -31.91 -12.85 -16.67
C ASN A 323 -31.49 -14.23 -16.15
N SER A 324 -32.40 -14.92 -15.46
CA SER A 324 -32.11 -16.16 -14.72
C SER A 324 -31.50 -17.29 -15.55
N GLN A 325 -31.99 -17.45 -16.77
CA GLN A 325 -31.44 -18.40 -17.73
C GLN A 325 -29.93 -18.12 -17.98
N ASP A 326 -29.58 -16.84 -18.15
CA ASP A 326 -28.20 -16.43 -18.39
C ASP A 326 -27.31 -16.57 -17.16
N LYS A 327 -27.80 -16.16 -16.00
CA LYS A 327 -27.02 -16.22 -14.76
C LYS A 327 -26.57 -17.65 -14.39
N GLN A 328 -27.45 -18.62 -14.58
CA GLN A 328 -27.15 -20.03 -14.34
C GLN A 328 -26.04 -20.52 -15.27
N LEU A 329 -26.07 -20.08 -16.53
CA LEU A 329 -25.04 -20.44 -17.50
C LEU A 329 -23.74 -19.67 -17.26
N PHE A 330 -23.84 -18.54 -16.57
CA PHE A 330 -22.72 -17.66 -16.28
C PHE A 330 -22.01 -18.17 -15.04
N ASP A 331 -22.74 -18.83 -14.16
CA ASP A 331 -22.19 -19.37 -12.93
C ASP A 331 -21.33 -20.64 -13.15
N ASN A 332 -21.33 -21.17 -14.37
CA ASN A 332 -20.45 -22.31 -14.68
C ASN A 332 -19.13 -21.86 -15.32
N TYR A 333 -18.87 -20.55 -15.28
CA TYR A 333 -17.60 -20.01 -15.71
C TYR A 333 -16.60 -20.28 -14.58
N VAL A 334 -15.30 -20.34 -14.91
CA VAL A 334 -14.29 -20.42 -13.84
C VAL A 334 -13.53 -19.09 -13.76
N ILE A 335 -13.34 -18.57 -12.54
CA ILE A 335 -12.64 -17.29 -12.34
C ILE A 335 -11.12 -17.52 -12.48
N LEU A 336 -10.48 -16.79 -13.39
CA LEU A 336 -9.08 -17.03 -13.69
C LEU A 336 -8.17 -17.09 -12.46
N GLY A 337 -8.40 -16.20 -11.50
CA GLY A 337 -7.58 -16.18 -10.30
C GLY A 337 -7.52 -17.52 -9.58
N ASN A 338 -8.67 -18.19 -9.50
CA ASN A 338 -8.71 -19.48 -8.83
C ASN A 338 -7.97 -20.51 -9.65
N TYR A 339 -8.17 -20.46 -10.95
CA TYR A 339 -7.53 -21.33 -11.92
C TYR A 339 -5.98 -21.26 -11.89
N THR A 340 -5.41 -20.06 -11.99
CA THR A 340 -3.95 -19.90 -11.96
C THR A 340 -3.36 -20.19 -10.59
N THR A 341 -4.16 -19.99 -9.54
CA THR A 341 -3.75 -20.40 -8.20
C THR A 341 -3.62 -21.93 -8.19
N LEU A 342 -4.61 -22.60 -8.80
CA LEU A 342 -4.54 -24.07 -8.95
C LEU A 342 -3.29 -24.46 -9.74
N MET A 343 -3.07 -23.78 -10.86
CA MET A 343 -1.83 -24.03 -11.64
C MET A 343 -0.58 -23.94 -10.76
N PHE A 344 -0.47 -22.88 -9.96
CA PHE A 344 0.68 -22.76 -9.09
C PHE A 344 0.77 -23.92 -8.06
N ASN A 345 -0.33 -24.15 -7.36
CA ASN A 345 -0.35 -25.20 -6.33
C ASN A 345 0.09 -26.57 -6.89
N ILE A 346 -0.35 -26.87 -8.11
CA ILE A 346 0.05 -28.08 -8.79
C ILE A 346 1.58 -28.05 -9.07
N SER A 347 2.08 -26.90 -9.51
CA SER A 347 3.49 -26.82 -9.85
C SER A 347 4.35 -27.04 -8.63
N ARG A 348 3.91 -26.53 -7.48
CA ARG A 348 4.62 -26.67 -6.23
C ARG A 348 4.61 -28.15 -5.82
N ALA A 349 3.45 -28.78 -5.96
CA ALA A 349 3.29 -30.20 -5.64
C ALA A 349 4.19 -31.05 -6.55
N TYR A 350 4.18 -30.75 -7.83
CA TYR A 350 5.06 -31.40 -8.80
C TYR A 350 6.56 -31.32 -8.41
N VAL A 351 7.04 -30.13 -8.07
CA VAL A 351 8.43 -29.97 -7.69
C VAL A 351 8.76 -30.84 -6.46
N LEU A 352 7.85 -30.89 -5.49
CA LEU A 352 8.10 -31.64 -4.25
C LEU A 352 7.83 -33.16 -4.30
N GLU A 353 7.18 -33.62 -5.35
CA GLU A 353 6.62 -34.98 -5.35
C GLU A 353 7.70 -36.06 -5.47
N LYS A 354 7.73 -36.96 -4.50
CA LYS A 354 8.72 -38.06 -4.45
C LYS A 354 8.30 -39.25 -5.33
N ASP A 355 7.00 -39.48 -5.42
CA ASP A 355 6.46 -40.62 -6.18
C ASP A 355 6.42 -40.35 -7.68
N PRO A 356 7.25 -41.04 -8.46
CA PRO A 356 7.38 -40.78 -9.90
C PRO A 356 6.07 -40.82 -10.69
N THR A 357 5.14 -41.72 -10.33
CA THR A 357 3.85 -41.78 -11.00
C THR A 357 2.99 -40.55 -10.66
N GLN A 358 2.93 -40.20 -9.37
CA GLN A 358 2.18 -39.03 -8.93
C GLN A 358 2.76 -37.74 -9.48
N LYS A 359 4.10 -37.68 -9.54
CA LYS A 359 4.81 -36.54 -10.13
C LYS A 359 4.46 -36.38 -11.58
N ALA A 360 4.33 -37.49 -12.30
CA ALA A 360 3.99 -37.42 -13.72
C ALA A 360 2.53 -37.02 -13.95
N GLN A 361 1.64 -37.42 -13.04
CA GLN A 361 0.25 -37.00 -13.10
C GLN A 361 0.17 -35.47 -12.94
N LEU A 362 0.93 -34.94 -11.97
CA LEU A 362 0.93 -33.51 -11.67
C LEU A 362 1.42 -32.70 -12.87
N LYS A 363 2.46 -33.19 -13.54
CA LYS A 363 2.96 -32.54 -14.74
C LYS A 363 1.89 -32.44 -15.82
N GLN A 364 1.22 -33.57 -16.08
CA GLN A 364 0.16 -33.64 -17.07
C GLN A 364 -0.99 -32.66 -16.75
N MET A 365 -1.36 -32.56 -15.48
CA MET A 365 -2.48 -31.69 -15.09
C MET A 365 -2.06 -30.23 -15.40
N TYR A 366 -0.84 -29.86 -14.99
CA TYR A 366 -0.34 -28.50 -15.25
C TYR A 366 -0.29 -28.16 -16.72
N LEU A 367 0.23 -29.08 -17.53
CA LEU A 367 0.39 -28.86 -18.97
C LEU A 367 -0.96 -28.72 -19.66
N LEU A 368 -1.91 -29.54 -19.21
CA LEU A 368 -3.24 -29.48 -19.80
C LEU A 368 -3.93 -28.17 -19.39
N MET A 369 -3.74 -27.76 -18.13
CA MET A 369 -4.29 -26.47 -17.68
C MET A 369 -3.72 -25.37 -18.57
N THR A 370 -2.44 -25.50 -18.90
CA THR A 370 -1.78 -24.56 -19.78
C THR A 370 -2.39 -24.55 -21.14
N LYS A 371 -2.66 -25.73 -21.69
CA LYS A 371 -3.17 -25.79 -23.05
C LYS A 371 -4.60 -25.20 -23.18
N HIS A 372 -5.44 -25.50 -22.17
CA HIS A 372 -6.77 -24.96 -22.07
C HIS A 372 -6.71 -23.42 -22.00
N LEU A 373 -5.86 -22.92 -21.11
CA LEU A 373 -5.65 -21.48 -20.94
C LEU A 373 -5.31 -20.73 -22.24
N LEU A 374 -4.30 -21.21 -22.96
CA LEU A 374 -3.97 -20.65 -24.28
C LEU A 374 -5.10 -20.78 -25.33
N ASP A 375 -5.79 -21.92 -25.33
CA ASP A 375 -6.83 -22.14 -26.34
C ASP A 375 -8.07 -21.24 -26.07
N GLN A 376 -8.35 -21.01 -24.80
CA GLN A 376 -9.36 -20.03 -24.34
C GLN A 376 -9.08 -18.59 -24.79
N GLY A 377 -7.94 -18.36 -25.43
CA GLY A 377 -7.60 -17.07 -26.00
C GLY A 377 -6.69 -16.16 -25.15
N PHE A 378 -6.15 -16.69 -24.07
CA PHE A 378 -5.14 -15.94 -23.30
C PHE A 378 -3.75 -16.08 -23.95
N VAL A 379 -3.54 -15.33 -25.03
CA VAL A 379 -2.34 -15.40 -25.87
C VAL A 379 -1.92 -14.01 -26.31
N LYS A 380 -0.72 -13.90 -26.85
CA LYS A 380 -0.25 -12.67 -27.46
C LYS A 380 -1.25 -12.14 -28.50
N GLY A 381 -1.54 -10.83 -28.40
CA GLY A 381 -2.30 -10.13 -29.43
C GLY A 381 -3.80 -10.24 -29.25
N SER A 382 -4.20 -10.82 -28.13
CA SER A 382 -5.59 -11.08 -27.84
C SER A 382 -5.95 -10.30 -26.60
N ALA A 383 -6.65 -9.17 -26.79
CA ALA A 383 -7.07 -8.35 -25.64
C ALA A 383 -8.14 -8.97 -24.73
N LEU A 384 -8.95 -9.88 -25.29
CA LEU A 384 -10.13 -10.42 -24.61
C LEU A 384 -11.06 -9.28 -24.09
N VAL A 385 -11.09 -8.22 -24.90
CA VAL A 385 -11.82 -6.96 -24.67
C VAL A 385 -11.11 -6.18 -23.57
N THR A 386 -10.87 -6.80 -22.41
CA THR A 386 -9.96 -6.22 -21.42
C THR A 386 -9.38 -7.24 -20.45
N THR A 387 -8.23 -6.89 -19.86
CA THR A 387 -7.65 -7.69 -18.76
C THR A 387 -7.11 -6.76 -17.70
N HIS A 388 -7.76 -5.61 -17.49
CA HIS A 388 -7.24 -4.67 -16.52
C HIS A 388 -7.21 -5.31 -15.13
N HIS A 389 -6.36 -4.79 -14.26
CA HIS A 389 -5.99 -5.46 -12.99
C HIS A 389 -5.55 -6.91 -13.20
N TRP A 390 -4.82 -7.13 -14.30
CA TRP A 390 -4.30 -8.44 -14.70
C TRP A 390 -3.60 -9.23 -13.61
N GLY A 391 -2.82 -8.53 -12.81
CA GLY A 391 -2.02 -9.20 -11.75
C GLY A 391 -2.85 -9.97 -10.72
N TYR A 392 -4.04 -9.47 -10.40
CA TYR A 392 -4.92 -10.16 -9.45
C TYR A 392 -5.40 -11.50 -9.99
N SER A 393 -5.45 -11.64 -11.29
CA SER A 393 -5.87 -12.91 -11.90
C SER A 393 -4.73 -13.87 -12.26
N SER A 394 -3.50 -13.35 -12.37
CA SER A 394 -2.41 -14.09 -13.02
C SER A 394 -1.11 -14.17 -12.21
N ARG A 395 -1.03 -13.47 -11.09
CA ARG A 395 0.24 -13.38 -10.37
C ARG A 395 0.89 -14.77 -10.19
N TRP A 396 0.10 -15.77 -9.84
CA TRP A 396 0.66 -17.10 -9.56
C TRP A 396 0.90 -17.91 -10.84
N TRP A 397 0.33 -17.49 -11.97
CA TRP A 397 0.69 -18.05 -13.25
C TRP A 397 2.17 -17.74 -13.58
N TYR A 398 2.54 -16.46 -13.50
CA TYR A 398 3.95 -16.08 -13.70
C TYR A 398 4.88 -16.98 -12.85
N ILE A 399 4.57 -17.12 -11.55
CA ILE A 399 5.45 -17.85 -10.62
C ILE A 399 5.49 -19.34 -11.00
N SER A 400 4.35 -19.88 -11.41
CA SER A 400 4.28 -21.31 -11.79
C SER A 400 5.21 -21.65 -12.95
N THR A 401 5.44 -20.70 -13.88
CA THR A 401 6.33 -20.96 -15.01
C THR A 401 7.82 -21.16 -14.62
N LEU A 402 8.25 -20.59 -13.49
CA LEU A 402 9.58 -20.85 -12.94
C LEU A 402 9.70 -22.33 -12.60
N LEU A 403 8.71 -22.81 -11.88
CA LEU A 403 8.72 -24.19 -11.41
C LEU A 403 8.58 -25.15 -12.58
N MET A 404 7.88 -24.75 -13.64
CA MET A 404 7.53 -25.63 -14.74
C MET A 404 8.32 -25.33 -16.01
N SER A 405 9.42 -24.59 -15.85
CA SER A 405 10.22 -24.08 -16.95
C SER A 405 10.63 -25.22 -17.90
N ASP A 406 11.15 -26.32 -17.32
CA ASP A 406 11.62 -27.45 -18.12
C ASP A 406 10.46 -28.18 -18.78
N ALA A 407 9.40 -28.39 -18.03
CA ALA A 407 8.18 -28.97 -18.59
C ALA A 407 7.63 -28.19 -19.77
N LEU A 408 7.60 -26.86 -19.68
CA LEU A 408 7.09 -26.02 -20.79
C LEU A 408 7.95 -26.12 -22.03
N LYS A 409 9.27 -26.13 -21.85
CA LYS A 409 10.23 -26.34 -22.93
C LYS A 409 10.00 -27.65 -23.69
N GLU A 410 10.02 -28.76 -22.94
CA GLU A 410 9.85 -30.10 -23.52
C GLU A 410 8.49 -30.21 -24.22
N ALA A 411 7.45 -29.61 -23.65
CA ALA A 411 6.14 -29.56 -24.29
C ALA A 411 6.03 -28.53 -25.39
N ASN A 412 7.11 -27.77 -25.63
CA ASN A 412 7.11 -26.79 -26.71
C ASN A 412 6.10 -25.64 -26.50
N LEU A 413 5.85 -25.33 -25.22
CA LEU A 413 4.88 -24.29 -24.84
C LEU A 413 5.55 -23.02 -24.31
N GLN A 414 6.88 -23.02 -24.15
CA GLN A 414 7.54 -21.89 -23.49
C GLN A 414 7.39 -20.57 -24.26
N THR A 415 7.55 -20.63 -25.58
CA THR A 415 7.45 -19.41 -26.35
C THR A 415 6.03 -18.84 -26.29
N GLN A 416 5.05 -19.72 -26.41
CA GLN A 416 3.66 -19.28 -26.41
C GLN A 416 3.28 -18.66 -25.05
N VAL A 417 3.72 -19.31 -23.95
CA VAL A 417 3.43 -18.81 -22.61
C VAL A 417 4.18 -17.49 -22.34
N TYR A 418 5.45 -17.41 -22.74
CA TYR A 418 6.22 -16.17 -22.60
C TYR A 418 5.55 -15.02 -23.31
N ASP A 419 5.20 -15.27 -24.58
CA ASP A 419 4.59 -14.26 -25.45
C ASP A 419 3.27 -13.77 -24.89
N SER A 420 2.48 -14.70 -24.37
CA SER A 420 1.19 -14.38 -23.72
C SER A 420 1.41 -13.53 -22.47
N LEU A 421 2.25 -14.01 -21.56
CA LEU A 421 2.51 -13.26 -20.32
C LEU A 421 3.09 -11.88 -20.62
N LEU A 422 3.98 -11.79 -21.61
CA LEU A 422 4.56 -10.52 -22.00
C LEU A 422 3.47 -9.58 -22.46
N TRP A 423 2.59 -10.10 -23.32
CA TRP A 423 1.48 -9.32 -23.88
C TRP A 423 0.58 -8.76 -22.77
N TYR A 424 0.10 -9.63 -21.89
CA TYR A 424 -0.78 -9.13 -20.79
C TYR A 424 -0.12 -8.19 -19.76
N SER A 425 1.18 -8.38 -19.57
CA SER A 425 2.02 -7.47 -18.77
C SER A 425 2.10 -6.06 -19.31
N ARG A 426 1.67 -5.81 -20.56
CA ARG A 426 1.72 -4.45 -21.07
C ARG A 426 0.93 -3.47 -20.21
N GLU A 427 -0.03 -3.97 -19.44
CA GLU A 427 -0.67 -3.12 -18.44
C GLU A 427 0.34 -2.42 -17.48
N PHE A 428 1.43 -3.12 -17.18
CA PHE A 428 2.46 -2.68 -16.24
C PHE A 428 3.65 -2.08 -16.97
N LYS A 429 3.43 -1.59 -18.19
CA LYS A 429 4.51 -1.10 -19.04
C LYS A 429 5.42 -0.10 -18.35
N SER A 430 4.86 0.76 -17.48
CA SER A 430 5.68 1.79 -16.84
C SER A 430 6.76 1.21 -15.95
N SER A 431 6.52 0.05 -15.34
CA SER A 431 7.63 -0.62 -14.63
C SER A 431 8.32 -1.70 -15.47
N PHE A 432 7.55 -2.47 -16.21
CA PHE A 432 8.13 -3.61 -16.96
C PHE A 432 9.10 -3.19 -18.06
N ASP A 433 8.91 -2.01 -18.67
CA ASP A 433 9.95 -1.50 -19.60
C ASP A 433 11.35 -1.35 -18.97
N MET A 434 11.40 -1.14 -17.67
CA MET A 434 12.63 -1.10 -16.87
C MET A 434 13.50 0.14 -17.11
N LYS A 435 12.88 1.22 -17.56
CA LYS A 435 13.55 2.52 -17.51
C LYS A 435 13.23 3.21 -16.17
N VAL A 436 14.27 3.56 -15.42
CA VAL A 436 14.08 4.17 -14.09
C VAL A 436 13.52 5.58 -14.29
N SER A 437 12.43 5.89 -13.59
CA SER A 437 11.79 7.19 -13.63
C SER A 437 11.35 7.59 -12.23
N ALA A 438 10.83 8.81 -12.12
CA ALA A 438 10.35 9.34 -10.83
C ALA A 438 9.34 8.40 -10.15
N ASP A 439 8.63 7.60 -10.95
CA ASP A 439 7.61 6.72 -10.42
C ASP A 439 8.05 5.27 -10.19
N SER A 440 9.32 4.98 -10.41
CA SER A 440 9.78 3.58 -10.35
C SER A 440 9.91 2.99 -8.96
N SER A 441 9.83 3.82 -7.92
CA SER A 441 9.97 3.32 -6.53
C SER A 441 8.61 2.95 -5.89
N ASP A 442 7.60 2.84 -6.75
CA ASP A 442 6.26 2.34 -6.49
C ASP A 442 6.30 1.18 -5.45
N LEU A 443 5.70 1.40 -4.27
CA LEU A 443 5.77 0.40 -3.19
C LEU A 443 4.82 -0.74 -3.46
N ASP A 444 3.75 -0.48 -4.21
CA ASP A 444 2.81 -1.54 -4.49
C ASP A 444 3.42 -2.52 -5.50
N TYR A 445 4.16 -2.00 -6.48
CA TYR A 445 4.95 -2.86 -7.39
C TYR A 445 5.81 -3.86 -6.61
N PHE A 446 6.54 -3.39 -5.59
CA PHE A 446 7.41 -4.30 -4.85
C PHE A 446 6.60 -5.43 -4.22
N ASN A 447 5.46 -5.10 -3.62
CA ASN A 447 4.49 -6.09 -3.14
C ASN A 447 3.95 -7.04 -4.26
N THR A 448 3.20 -6.50 -5.21
CA THR A 448 2.33 -7.36 -6.02
C THR A 448 2.91 -7.89 -7.35
N LEU A 449 4.05 -7.33 -7.78
CA LEU A 449 4.54 -7.53 -9.15
C LEU A 449 6.03 -7.81 -9.34
N SER A 450 6.86 -7.48 -8.35
CA SER A 450 8.30 -7.51 -8.60
C SER A 450 8.82 -8.93 -8.91
N ARG A 451 8.32 -9.93 -8.17
CA ARG A 451 8.80 -11.29 -8.43
C ARG A 451 8.18 -11.83 -9.71
N GLN A 452 6.98 -11.37 -10.03
CA GLN A 452 6.32 -11.76 -11.29
C GLN A 452 7.09 -11.23 -12.50
N HIS A 453 7.57 -9.98 -12.38
CA HIS A 453 8.39 -9.32 -13.41
C HIS A 453 9.68 -10.15 -13.66
N LEU A 454 10.40 -10.45 -12.59
CA LEU A 454 11.58 -11.33 -12.68
C LEU A 454 11.23 -12.70 -13.32
N ALA A 455 10.14 -13.34 -12.88
CA ALA A 455 9.72 -14.62 -13.45
C ALA A 455 9.49 -14.55 -14.96
N LEU A 456 8.81 -13.49 -15.41
CA LEU A 456 8.61 -13.24 -16.83
C LEU A 456 9.95 -13.17 -17.58
N LEU A 457 10.89 -12.34 -17.10
CA LEU A 457 12.18 -12.20 -17.72
C LEU A 457 12.90 -13.54 -17.83
N LEU A 458 12.83 -14.33 -16.77
CA LEU A 458 13.57 -15.61 -16.74
C LEU A 458 12.96 -16.61 -17.73
N LEU A 459 11.75 -16.32 -18.20
CA LEU A 459 11.07 -17.22 -19.13
C LEU A 459 11.39 -16.91 -20.59
N GLU A 460 12.06 -15.79 -20.83
CA GLU A 460 12.51 -15.46 -22.18
C GLU A 460 13.38 -16.59 -22.72
N PRO A 461 13.02 -17.13 -23.90
CA PRO A 461 13.74 -18.25 -24.53
C PRO A 461 15.19 -18.00 -24.98
N ASP A 462 15.51 -16.84 -25.53
CA ASP A 462 16.87 -16.62 -25.97
C ASP A 462 17.84 -16.31 -24.83
N ASP A 463 19.02 -16.96 -24.82
CA ASP A 463 19.96 -16.78 -23.70
C ASP A 463 20.48 -15.35 -23.57
N GLN A 464 20.93 -14.78 -24.67
CA GLN A 464 21.51 -13.44 -24.65
C GLN A 464 20.45 -12.40 -24.22
N LYS A 465 19.25 -12.50 -24.78
CA LYS A 465 18.16 -11.60 -24.40
C LYS A 465 17.79 -11.78 -22.92
N ARG A 466 17.73 -13.03 -22.44
CA ARG A 466 17.39 -13.26 -21.03
C ARG A 466 18.43 -12.58 -20.13
N ILE A 467 19.70 -12.76 -20.46
CA ILE A 467 20.76 -12.11 -19.69
C ILE A 467 20.68 -10.56 -19.75
N ASN A 468 20.47 -10.00 -20.95
CA ASN A 468 20.20 -8.56 -21.10
C ASN A 468 19.06 -8.08 -20.23
N LEU A 469 17.93 -8.80 -20.25
CA LEU A 469 16.77 -8.44 -19.44
C LEU A 469 17.08 -8.47 -17.94
N VAL A 470 17.69 -9.56 -17.47
CA VAL A 470 17.96 -9.65 -16.04
C VAL A 470 19.01 -8.65 -15.55
N ASN A 471 20.01 -8.39 -16.38
CA ASN A 471 20.97 -7.32 -16.12
C ASN A 471 20.28 -5.94 -16.04
N THR A 472 19.38 -5.67 -16.98
CA THR A 472 18.62 -4.41 -16.95
C THR A 472 17.70 -4.33 -15.72
N PHE A 473 17.12 -5.48 -15.36
CA PHE A 473 16.25 -5.58 -14.19
C PHE A 473 17.03 -5.29 -12.92
N SER A 474 18.26 -5.81 -12.85
CA SER A 474 19.11 -5.51 -11.70
C SER A 474 19.36 -3.99 -11.57
N HIS A 475 19.70 -3.38 -12.69
CA HIS A 475 19.87 -1.93 -12.71
C HIS A 475 18.60 -1.18 -12.34
N TYR A 476 17.44 -1.67 -12.76
CA TYR A 476 16.16 -1.02 -12.49
C TYR A 476 15.86 -1.05 -10.99
N ILE A 477 16.05 -2.21 -10.39
CA ILE A 477 15.76 -2.36 -8.97
C ILE A 477 16.77 -1.53 -8.16
N THR A 478 18.03 -1.53 -8.57
CA THR A 478 19.03 -0.71 -7.86
C THR A 478 18.62 0.78 -7.86
N GLY A 479 18.26 1.31 -9.03
CA GLY A 479 17.76 2.69 -9.13
C GLY A 479 16.50 2.93 -8.31
N ALA A 480 15.56 1.98 -8.36
CA ALA A 480 14.28 2.14 -7.65
C ALA A 480 14.51 2.25 -6.13
N LEU A 481 15.45 1.45 -5.64
CA LEU A 481 15.74 1.38 -4.20
C LEU A 481 16.74 2.41 -3.75
N THR A 482 17.36 3.09 -4.71
CA THR A 482 18.39 4.09 -4.39
C THR A 482 17.89 5.52 -4.48
N GLN A 483 17.19 5.86 -5.56
CA GLN A 483 16.82 7.26 -5.82
C GLN A 483 15.93 7.84 -4.71
N VAL A 484 16.02 9.16 -4.53
CA VAL A 484 15.05 9.85 -3.68
C VAL A 484 14.02 10.44 -4.64
N PRO A 485 12.82 9.87 -4.66
CA PRO A 485 11.81 10.35 -5.59
C PRO A 485 11.46 11.80 -5.21
N PRO A 486 11.16 12.61 -6.19
CA PRO A 486 10.75 14.00 -5.93
C PRO A 486 9.35 14.03 -5.31
N GLY A 487 9.07 15.13 -4.62
CA GLY A 487 7.72 15.43 -4.14
C GLY A 487 7.19 14.32 -3.28
N GLY A 488 5.93 13.93 -3.51
CA GLY A 488 5.33 12.90 -2.68
C GLY A 488 5.31 11.55 -3.38
N LYS A 489 6.13 11.36 -4.41
CA LYS A 489 6.08 10.10 -5.18
C LYS A 489 6.49 8.91 -4.29
N ASP A 490 6.00 7.72 -4.61
CA ASP A 490 6.38 6.54 -3.78
C ASP A 490 7.87 6.38 -3.64
N GLY A 491 8.30 5.89 -2.47
CA GLY A 491 9.62 5.27 -2.41
C GLY A 491 10.22 5.50 -1.04
N LEU A 492 11.43 4.98 -0.86
CA LEU A 492 12.16 5.17 0.40
C LEU A 492 12.57 6.62 0.48
N ARG A 493 12.86 7.11 1.69
CA ARG A 493 13.30 8.51 1.90
C ARG A 493 14.56 8.52 2.78
N PRO A 494 15.35 9.60 2.75
CA PRO A 494 16.64 9.61 3.44
C PRO A 494 16.60 9.53 4.98
N ASP A 495 15.45 9.71 5.60
CA ASP A 495 15.35 9.56 7.06
C ASP A 495 14.82 8.18 7.41
N GLY A 496 14.68 7.33 6.39
CA GLY A 496 14.22 5.97 6.64
C GLY A 496 12.70 5.78 6.50
N THR A 497 11.95 6.87 6.26
CA THR A 497 10.51 6.69 6.02
C THR A 497 10.34 6.12 4.62
N ALA A 498 9.12 5.71 4.31
CA ALA A 498 8.87 5.04 3.07
C ALA A 498 7.43 5.30 2.70
N TRP A 499 7.24 5.86 1.51
CA TRP A 499 6.01 6.54 1.16
C TRP A 499 5.15 5.85 0.08
N ARG A 500 3.84 5.89 0.29
CA ARG A 500 2.86 5.61 -0.75
C ARG A 500 1.65 6.46 -0.41
N HIS A 501 0.84 6.80 -1.42
CA HIS A 501 -0.27 7.78 -1.22
C HIS A 501 0.24 9.09 -0.62
N GLU A 502 1.45 9.45 -1.08
CA GLU A 502 2.04 10.75 -0.81
C GLU A 502 2.41 10.99 0.66
N GLY A 503 2.69 9.93 1.43
CA GLY A 503 3.29 10.13 2.75
C GLY A 503 3.83 8.81 3.29
N ASN A 504 4.57 8.88 4.39
CA ASN A 504 5.06 7.66 5.04
C ASN A 504 3.87 6.74 5.37
N TYR A 505 3.96 5.46 4.97
CA TYR A 505 2.82 4.58 5.09
C TYR A 505 3.24 3.14 5.36
N PRO A 506 3.45 2.76 6.64
CA PRO A 506 3.85 1.38 6.98
C PRO A 506 2.97 0.28 6.35
N GLY A 507 1.67 0.47 6.26
CA GLY A 507 0.82 -0.58 5.73
C GLY A 507 1.20 -0.94 4.29
N TYR A 508 1.76 0.00 3.56
CA TYR A 508 2.29 -0.27 2.21
C TYR A 508 3.78 -0.62 2.17
N SER A 509 4.58 0.09 2.96
CA SER A 509 6.01 -0.18 3.02
C SER A 509 6.38 -1.55 3.56
N PHE A 510 5.67 -2.03 4.56
CA PHE A 510 6.03 -3.32 5.16
C PHE A 510 6.06 -4.48 4.16
N PRO A 511 4.98 -4.69 3.40
CA PRO A 511 5.00 -5.74 2.36
C PRO A 511 6.05 -5.49 1.27
N ALA A 512 6.29 -4.22 0.94
CA ALA A 512 7.38 -3.89 0.00
C ALA A 512 8.79 -4.22 0.56
N PHE A 513 9.04 -3.96 1.84
CA PHE A 513 10.33 -4.30 2.43
C PHE A 513 10.54 -5.80 2.38
N LYS A 514 9.48 -6.55 2.66
CA LYS A 514 9.63 -8.01 2.62
C LYS A 514 10.11 -8.48 1.22
N ASN A 515 9.38 -8.05 0.19
CA ASN A 515 9.70 -8.51 -1.18
C ASN A 515 10.94 -7.89 -1.79
N ALA A 516 11.22 -6.62 -1.52
CA ALA A 516 12.44 -5.98 -2.01
C ALA A 516 13.69 -6.66 -1.38
N SER A 517 13.61 -7.01 -0.09
CA SER A 517 14.71 -7.76 0.58
C SER A 517 14.85 -9.13 -0.07
N GLN A 518 13.73 -9.80 -0.30
CA GLN A 518 13.76 -11.08 -1.01
C GLN A 518 14.40 -10.97 -2.41
N LEU A 519 14.05 -9.91 -3.17
CA LEU A 519 14.64 -9.73 -4.50
C LEU A 519 16.15 -9.58 -4.41
N ILE A 520 16.62 -8.77 -3.48
CA ILE A 520 18.06 -8.58 -3.31
C ILE A 520 18.73 -9.95 -2.97
N TYR A 521 18.12 -10.69 -2.05
CA TYR A 521 18.61 -12.03 -1.70
C TYR A 521 18.59 -13.01 -2.90
N LEU A 522 17.55 -12.98 -3.72
CA LEU A 522 17.50 -13.84 -4.93
C LEU A 522 18.67 -13.61 -5.88
N LEU A 523 19.10 -12.35 -5.97
CA LEU A 523 20.09 -11.92 -6.91
C LEU A 523 21.50 -11.88 -6.33
N ARG A 524 21.66 -12.17 -5.04
CA ARG A 524 22.93 -11.95 -4.32
C ARG A 524 24.11 -12.79 -4.87
N ASP A 525 25.31 -12.21 -4.75
CA ASP A 525 26.53 -12.92 -5.13
C ASP A 525 26.49 -13.47 -6.55
N THR A 526 25.93 -12.69 -7.49
CA THR A 526 25.94 -13.04 -8.91
C THR A 526 26.23 -11.74 -9.64
N PRO A 527 26.55 -11.80 -10.94
CA PRO A 527 26.68 -10.61 -11.79
C PRO A 527 25.41 -9.78 -11.93
N PHE A 528 24.33 -10.22 -11.31
CA PHE A 528 23.03 -9.54 -11.35
C PHE A 528 22.63 -8.98 -9.97
N SER A 529 23.55 -9.06 -9.02
CA SER A 529 23.27 -8.54 -7.66
C SER A 529 22.83 -7.07 -7.68
N VAL A 530 21.91 -6.72 -6.79
CA VAL A 530 21.49 -5.33 -6.61
C VAL A 530 22.65 -4.49 -6.07
N GLY A 531 22.77 -3.27 -6.57
CA GLY A 531 23.86 -2.40 -6.13
C GLY A 531 23.83 -2.09 -4.66
N GLU A 532 25.01 -1.95 -4.07
CA GLU A 532 25.11 -1.70 -2.62
C GLU A 532 24.36 -0.45 -2.20
N SER A 533 24.27 0.54 -3.10
CA SER A 533 23.46 1.72 -2.76
C SER A 533 22.00 1.37 -2.40
N GLY A 534 21.41 0.44 -3.15
CA GLY A 534 20.02 0.02 -2.93
C GLY A 534 19.91 -0.78 -1.63
N TRP A 535 20.89 -1.68 -1.41
CA TRP A 535 20.96 -2.46 -0.16
C TRP A 535 21.03 -1.51 1.07
N ASN A 536 21.91 -0.50 0.99
CA ASN A 536 22.07 0.47 2.07
C ASN A 536 20.79 1.23 2.39
N ASN A 537 20.09 1.70 1.34
CA ASN A 537 18.91 2.54 1.54
C ASN A 537 17.78 1.69 2.18
N LEU A 538 17.68 0.44 1.72
CA LEU A 538 16.66 -0.48 2.24
C LEU A 538 16.97 -0.85 3.69
N LYS A 539 18.26 -1.06 4.00
CA LYS A 539 18.64 -1.28 5.39
C LYS A 539 18.21 -0.11 6.27
N LYS A 540 18.48 1.11 5.84
CA LYS A 540 18.07 2.29 6.63
C LYS A 540 16.56 2.24 6.93
N ALA A 541 15.77 1.97 5.89
CA ALA A 541 14.32 1.90 6.07
C ALA A 541 13.88 0.77 6.97
N MET A 542 14.52 -0.39 6.87
CA MET A 542 14.08 -1.53 7.68
C MET A 542 14.55 -1.43 9.14
N VAL A 543 15.74 -0.86 9.36
CA VAL A 543 16.16 -0.57 10.74
C VAL A 543 15.17 0.46 11.36
N SER A 544 14.75 1.42 10.55
CA SER A 544 13.85 2.46 11.03
C SER A 544 12.54 1.81 11.44
N ALA A 545 12.06 0.87 10.63
CA ALA A 545 10.78 0.19 10.91
C ALA A 545 10.86 -0.59 12.22
N TRP A 546 12.02 -1.19 12.49
CA TRP A 546 12.29 -1.89 13.76
C TRP A 546 12.16 -0.89 14.92
N ILE A 547 12.70 0.31 14.73
CA ILE A 547 12.60 1.37 15.73
C ILE A 547 11.16 1.87 15.95
N TYR A 548 10.36 2.02 14.89
CA TYR A 548 9.02 2.62 15.10
C TYR A 548 7.87 1.63 15.26
N SER A 549 8.20 0.36 15.58
CA SER A 549 7.20 -0.67 15.75
C SER A 549 7.50 -1.43 17.06
N ASN A 550 6.48 -2.02 17.70
CA ASN A 550 6.75 -2.66 18.99
C ASN A 550 5.82 -3.81 19.38
N PRO A 551 5.56 -4.82 18.55
CA PRO A 551 6.06 -4.95 17.17
C PRO A 551 5.07 -4.38 16.15
N GLU A 552 3.95 -3.85 16.58
CA GLU A 552 3.02 -3.16 15.63
C GLU A 552 3.42 -1.69 15.60
N VAL A 553 3.24 -1.00 14.47
CA VAL A 553 3.40 0.45 14.53
C VAL A 553 2.26 1.02 15.39
N GLY A 554 2.50 2.19 15.98
CA GLY A 554 1.47 2.88 16.71
C GLY A 554 0.21 3.25 15.93
N LEU A 555 -0.83 3.56 16.71
CA LEU A 555 -2.05 4.17 16.19
C LEU A 555 -1.79 5.34 15.24
N PRO A 556 -0.83 6.23 15.57
CA PRO A 556 -0.54 7.39 14.69
C PRO A 556 0.06 6.98 13.35
N LEU A 557 0.64 5.77 13.25
CA LEU A 557 1.24 5.28 12.00
C LEU A 557 0.37 4.25 11.27
N ALA A 558 -0.86 4.09 11.71
CA ALA A 558 -1.70 2.99 11.23
C ALA A 558 -2.40 3.35 9.91
N GLY A 559 -2.16 4.56 9.39
CA GLY A 559 -2.85 4.97 8.16
C GLY A 559 -4.37 4.87 8.31
N ARG A 560 -5.05 4.39 7.26
CA ARG A 560 -6.54 4.31 7.30
C ARG A 560 -7.10 3.07 8.05
N HIS A 561 -6.22 2.30 8.68
CA HIS A 561 -6.60 1.14 9.48
C HIS A 561 -6.23 1.25 10.98
N PRO A 562 -6.77 2.25 11.70
CA PRO A 562 -6.51 2.35 13.15
C PRO A 562 -7.03 1.07 13.82
N PHE A 563 -6.28 0.58 14.80
CA PHE A 563 -6.58 -0.65 15.54
C PHE A 563 -6.37 -1.91 14.73
N ASN A 564 -5.72 -1.77 13.58
CA ASN A 564 -5.29 -2.92 12.78
C ASN A 564 -3.95 -2.59 12.14
N SER A 565 -3.01 -2.15 12.99
CA SER A 565 -1.70 -1.75 12.54
C SER A 565 -0.92 -2.90 11.87
N PRO A 566 -0.12 -2.61 10.86
CA PRO A 566 0.84 -3.59 10.39
C PRO A 566 1.84 -3.94 11.51
N SER A 567 2.35 -5.16 11.45
CA SER A 567 3.30 -5.62 12.45
C SER A 567 4.62 -5.97 11.77
N LEU A 568 5.72 -5.71 12.46
CA LEU A 568 7.00 -6.12 11.93
C LEU A 568 7.04 -7.67 11.81
N LYS A 569 6.18 -8.38 12.54
CA LYS A 569 6.18 -9.85 12.39
C LYS A 569 5.97 -10.31 10.95
N SER A 570 5.20 -9.54 10.18
CA SER A 570 4.96 -9.91 8.79
C SER A 570 6.18 -9.69 7.88
N VAL A 571 7.16 -8.90 8.34
CA VAL A 571 8.34 -8.53 7.57
C VAL A 571 9.56 -9.34 8.02
N ALA A 572 9.37 -10.22 9.01
CA ALA A 572 10.49 -10.91 9.68
C ALA A 572 11.51 -11.52 8.72
N GLN A 573 11.02 -12.27 7.72
CA GLN A 573 11.90 -12.96 6.77
C GLN A 573 12.73 -11.97 5.98
N GLY A 574 12.19 -10.78 5.70
CA GLY A 574 12.96 -9.77 4.99
C GLY A 574 14.24 -9.41 5.72
N TYR A 575 14.23 -9.42 7.06
CA TYR A 575 15.45 -9.12 7.82
C TYR A 575 16.49 -10.23 7.63
N TYR A 576 16.02 -11.48 7.57
CA TYR A 576 16.98 -12.56 7.28
C TYR A 576 17.51 -12.38 5.84
N TRP A 577 16.62 -12.17 4.88
CA TRP A 577 17.05 -12.01 3.47
C TRP A 577 18.02 -10.87 3.25
N LEU A 578 17.76 -9.73 3.90
CA LEU A 578 18.65 -8.58 3.71
C LEU A 578 19.99 -8.81 4.44
N ALA A 579 19.93 -9.34 5.66
CA ALA A 579 21.14 -9.72 6.42
C ALA A 579 22.04 -10.65 5.59
N MET A 580 21.44 -11.63 4.91
CA MET A 580 22.21 -12.68 4.20
C MET A 580 22.64 -12.24 2.79
N SER A 581 22.28 -11.01 2.41
CA SER A 581 22.64 -10.50 1.08
C SER A 581 23.54 -9.27 1.15
N ALA A 582 24.12 -9.08 2.33
CA ALA A 582 25.09 -8.01 2.50
C ALA A 582 26.35 -8.31 1.69
N LYS A 583 27.06 -7.26 1.28
CA LYS A 583 28.33 -7.48 0.57
C LYS A 583 29.24 -8.34 1.44
N SER A 584 29.19 -8.11 2.74
CA SER A 584 29.86 -8.93 3.73
C SER A 584 28.82 -9.56 4.67
N SER A 585 28.31 -10.71 4.27
CA SER A 585 27.22 -11.33 4.96
C SER A 585 27.80 -12.19 6.07
N PRO A 586 27.06 -12.34 7.15
CA PRO A 586 25.77 -11.66 7.36
C PRO A 586 25.91 -10.26 7.97
N ASP A 587 24.99 -9.37 7.64
CA ASP A 587 24.91 -8.12 8.38
C ASP A 587 24.39 -8.42 9.80
N LYS A 588 25.27 -8.23 10.78
CA LYS A 588 24.96 -8.54 12.18
C LYS A 588 23.76 -7.76 12.70
N THR A 589 23.65 -6.47 12.36
CA THR A 589 22.51 -5.70 12.82
C THR A 589 21.18 -6.29 12.36
N LEU A 590 21.02 -6.47 11.06
CA LEU A 590 19.78 -6.98 10.54
C LEU A 590 19.58 -8.43 11.02
N ALA A 591 20.66 -9.20 11.17
CA ALA A 591 20.54 -10.58 11.66
C ALA A 591 19.95 -10.59 13.09
N SER A 592 20.50 -9.73 13.92
CA SER A 592 20.07 -9.61 15.32
C SER A 592 18.62 -9.18 15.44
N ILE A 593 18.19 -8.30 14.53
CA ILE A 593 16.78 -7.93 14.46
C ILE A 593 15.91 -9.09 14.04
N TYR A 594 16.31 -9.80 12.99
CA TYR A 594 15.53 -10.99 12.59
C TYR A 594 15.32 -11.95 13.74
N LEU A 595 16.38 -12.27 14.47
CA LEU A 595 16.23 -13.13 15.66
C LEU A 595 15.21 -12.61 16.65
N ALA A 596 15.32 -11.31 16.98
CA ALA A 596 14.40 -10.71 17.95
C ALA A 596 12.93 -10.77 17.50
N ILE A 597 12.67 -10.33 16.26
CA ILE A 597 11.31 -10.32 15.74
C ILE A 597 10.73 -11.72 15.65
N SER A 598 11.56 -12.70 15.26
CA SER A 598 11.06 -14.06 15.06
C SER A 598 11.08 -14.88 16.35
N ASP A 599 11.56 -14.27 17.43
CA ASP A 599 11.62 -14.93 18.72
C ASP A 599 12.54 -16.12 18.69
N LYS A 600 13.71 -15.97 18.07
CA LYS A 600 14.69 -17.04 18.06
C LYS A 600 15.83 -16.66 18.99
N THR A 601 16.46 -17.67 19.57
CA THR A 601 17.48 -17.48 20.59
C THR A 601 18.86 -17.34 20.01
N GLN A 602 19.79 -16.87 20.82
CA GLN A 602 21.18 -16.90 20.40
C GLN A 602 21.63 -18.34 20.04
N ASN A 603 21.15 -19.34 20.76
CA ASN A 603 21.56 -20.74 20.48
C ASN A 603 21.18 -21.16 19.04
N GLU A 604 20.05 -20.64 18.61
CA GLU A 604 19.52 -20.95 17.26
C GLU A 604 20.23 -20.17 16.16
N SER A 605 21.02 -19.18 16.54
CA SER A 605 21.54 -18.22 15.55
C SER A 605 22.59 -18.82 14.64
N THR A 606 23.41 -19.71 15.18
CA THR A 606 24.53 -20.24 14.40
C THR A 606 24.06 -21.01 13.16
N ALA A 607 23.04 -21.85 13.32
CA ALA A 607 22.60 -22.64 12.18
C ALA A 607 21.93 -21.78 11.10
N ILE A 608 21.44 -20.60 11.47
CA ILE A 608 20.74 -19.69 10.54
C ILE A 608 21.70 -18.80 9.75
N PHE A 609 22.65 -18.22 10.48
CA PHE A 609 23.57 -17.20 9.95
C PHE A 609 25.02 -17.63 9.85
N GLY A 610 25.34 -18.83 10.34
CA GLY A 610 26.69 -19.36 10.21
C GLY A 610 27.67 -18.77 11.21
N GLU A 611 27.10 -18.15 12.24
CA GLU A 611 27.82 -17.30 13.17
C GLU A 611 26.86 -17.11 14.36
N THR A 612 27.37 -17.09 15.60
CA THR A 612 26.59 -16.82 16.81
C THR A 612 26.24 -15.33 16.93
N ILE A 613 24.94 -15.04 16.93
CA ILE A 613 24.50 -13.63 17.00
C ILE A 613 23.47 -13.50 18.11
N THR A 614 23.69 -12.55 19.02
CA THR A 614 22.70 -12.24 20.05
C THR A 614 21.50 -11.50 19.44
N PRO A 615 20.29 -11.98 19.72
CA PRO A 615 19.05 -11.31 19.29
C PRO A 615 19.09 -9.84 19.76
N ALA A 616 18.69 -8.93 18.88
CA ALA A 616 18.68 -7.52 19.21
C ALA A 616 17.86 -7.26 20.47
N SER A 617 18.40 -6.47 21.39
CA SER A 617 17.53 -5.96 22.45
C SER A 617 16.72 -4.78 21.89
N LEU A 618 15.62 -4.40 22.57
CA LEU A 618 14.78 -3.32 22.04
C LEU A 618 15.58 -2.03 21.98
N PRO A 619 15.47 -1.31 20.87
CA PRO A 619 16.29 -0.11 20.71
C PRO A 619 15.89 0.95 21.76
N GLN A 620 16.87 1.74 22.20
CA GLN A 620 16.66 2.75 23.26
C GLN A 620 17.01 4.15 22.72
N GLY A 621 16.35 5.19 23.24
CA GLY A 621 16.69 6.58 22.93
C GLY A 621 15.62 7.23 22.08
N PHE A 622 16.03 8.22 21.29
CA PHE A 622 15.08 8.99 20.52
C PHE A 622 15.48 9.08 19.07
N TYR A 623 14.47 8.96 18.20
CA TYR A 623 14.70 8.93 16.75
C TYR A 623 13.68 9.78 16.03
N ALA A 624 14.16 10.75 15.25
CA ALA A 624 13.26 11.70 14.56
C ALA A 624 12.97 11.20 13.16
N PHE A 625 11.69 11.25 12.75
CA PHE A 625 11.27 10.80 11.42
C PHE A 625 10.34 11.84 10.77
N ASN A 626 10.91 12.98 10.38
CA ASN A 626 10.04 14.05 9.87
C ASN A 626 9.38 13.78 8.53
N GLY A 627 9.78 12.69 7.88
CA GLY A 627 9.04 12.21 6.70
C GLY A 627 7.59 11.93 7.04
N GLY A 628 7.30 11.62 8.32
CA GLY A 628 5.91 11.52 8.81
C GLY A 628 5.57 12.50 9.92
N ALA A 629 6.39 13.55 10.04
CA ALA A 629 6.29 14.53 11.14
C ALA A 629 6.18 13.84 12.49
N PHE A 630 6.90 12.73 12.65
CA PHE A 630 6.92 12.02 13.93
C PHE A 630 8.30 11.78 14.53
N GLY A 631 8.31 11.25 15.76
CA GLY A 631 9.53 10.84 16.42
C GLY A 631 9.14 9.69 17.34
N ILE A 632 10.12 8.87 17.72
CA ILE A 632 9.89 7.73 18.58
C ILE A 632 10.81 7.83 19.76
N HIS A 633 10.23 7.82 20.96
CA HIS A 633 11.04 7.73 22.17
C HIS A 633 10.94 6.32 22.70
N ARG A 634 12.09 5.73 23.06
CA ARG A 634 12.08 4.35 23.57
C ARG A 634 12.85 4.26 24.87
N TRP A 635 12.24 3.59 25.85
CA TRP A 635 12.82 3.36 27.19
C TRP A 635 12.34 1.98 27.62
N GLN A 636 13.30 1.12 27.96
CA GLN A 636 13.02 -0.26 28.35
C GLN A 636 12.16 -0.91 27.27
N ASP A 637 11.01 -1.44 27.62
CA ASP A 637 10.23 -2.12 26.61
C ASP A 637 9.15 -1.23 25.96
N LYS A 638 9.18 0.06 26.28
CA LYS A 638 8.17 0.98 25.79
C LYS A 638 8.66 1.86 24.64
N MET A 639 7.71 2.18 23.76
CA MET A 639 7.94 3.12 22.66
C MET A 639 6.82 4.14 22.74
N VAL A 640 7.18 5.41 22.49
CA VAL A 640 6.19 6.46 22.49
C VAL A 640 6.22 7.00 21.07
N THR A 641 5.09 6.95 20.38
CA THR A 641 5.00 7.62 19.06
C THR A 641 4.45 9.04 19.21
N LEU A 642 5.31 10.03 18.98
CA LEU A 642 4.95 11.44 19.03
C LEU A 642 4.64 11.85 17.59
N LYS A 643 3.47 12.37 17.31
CA LYS A 643 3.16 12.59 15.86
C LYS A 643 2.38 13.87 15.66
N ALA A 644 2.88 14.66 14.72
CA ALA A 644 2.24 15.90 14.30
C ALA A 644 1.90 15.80 12.80
N TYR A 645 1.60 16.93 12.18
CA TYR A 645 1.41 16.95 10.73
C TYR A 645 1.59 18.37 10.25
N ASN A 646 1.58 18.55 8.93
CA ASN A 646 1.89 19.89 8.42
C ASN A 646 1.54 19.94 6.92
N THR A 647 1.99 20.96 6.18
CA THR A 647 1.65 21.01 4.73
C THR A 647 2.11 19.80 3.95
N ASN A 648 3.25 19.21 4.34
CA ASN A 648 3.81 18.07 3.62
C ASN A 648 3.44 16.66 4.16
N VAL A 649 2.77 16.62 5.29
CA VAL A 649 2.42 15.35 5.95
C VAL A 649 0.92 15.39 6.23
N TRP A 650 0.12 14.56 5.56
CA TRP A 650 -1.32 14.56 5.86
C TRP A 650 -1.55 14.06 7.27
N SER A 651 -2.58 14.59 7.91
CA SER A 651 -2.89 14.23 9.31
C SER A 651 -3.40 12.81 9.37
N SER A 652 -4.15 12.41 8.33
CA SER A 652 -4.85 11.14 8.30
C SER A 652 -5.24 10.81 6.88
N GLU A 653 -5.38 9.54 6.58
CA GLU A 653 -6.00 9.14 5.33
C GLU A 653 -7.40 8.60 5.65
N ILE A 654 -8.42 9.26 5.10
CA ILE A 654 -9.81 8.86 5.36
C ILE A 654 -10.48 8.57 4.02
N TYR A 655 -11.11 7.39 3.92
CA TYR A 655 -11.77 6.97 2.67
C TYR A 655 -13.28 6.88 2.93
N ASN A 656 -14.05 6.70 1.85
CA ASN A 656 -15.48 6.43 1.96
C ASN A 656 -15.86 5.46 3.09
N LYS A 657 -15.10 4.37 3.24
CA LYS A 657 -15.33 3.39 4.29
C LYS A 657 -14.05 3.02 5.08
N ASP A 658 -13.21 4.01 5.39
CA ASP A 658 -12.05 3.74 6.23
C ASP A 658 -11.69 4.96 7.05
N ASN A 659 -11.40 4.72 8.34
CA ASN A 659 -10.84 5.77 9.21
C ASN A 659 -11.75 6.99 9.28
N ARG A 660 -13.08 6.78 9.31
CA ARG A 660 -14.01 7.91 9.22
C ARG A 660 -13.81 8.99 10.32
N TYR A 661 -13.39 8.53 11.50
CA TYR A 661 -13.24 9.38 12.66
C TYR A 661 -11.79 9.67 12.99
N GLY A 662 -10.96 9.60 11.95
CA GLY A 662 -9.51 9.77 12.14
C GLY A 662 -8.96 11.19 12.20
N ARG A 663 -9.83 12.19 12.34
CA ARG A 663 -9.44 13.59 12.24
C ARG A 663 -8.22 13.93 13.13
N TYR A 664 -8.19 13.35 14.34
CA TYR A 664 -7.14 13.69 15.33
C TYR A 664 -5.97 12.69 15.39
N GLN A 665 -5.85 11.84 14.38
CA GLN A 665 -4.78 10.84 14.34
C GLN A 665 -3.35 11.39 14.55
N SER A 666 -3.13 12.65 14.17
CA SER A 666 -1.81 13.26 14.19
C SER A 666 -1.81 14.58 14.98
N HIS A 667 -2.73 14.72 15.95
CA HIS A 667 -2.95 16.01 16.64
C HIS A 667 -1.96 16.22 17.82
N GLY A 668 -0.67 16.05 17.55
CA GLY A 668 0.34 16.12 18.59
C GLY A 668 0.17 14.96 19.58
N VAL A 669 -0.13 13.79 19.05
CA VAL A 669 -0.36 12.56 19.84
C VAL A 669 0.95 12.06 20.41
N ALA A 670 0.87 11.23 21.43
CA ALA A 670 2.04 10.62 22.07
C ALA A 670 1.57 9.28 22.61
N GLN A 671 1.40 8.32 21.72
CA GLN A 671 0.84 7.02 22.15
C GLN A 671 1.94 6.19 22.76
N ILE A 672 1.75 5.75 24.00
CA ILE A 672 2.73 4.84 24.65
C ILE A 672 2.35 3.35 24.44
N VAL A 673 3.29 2.54 23.94
CA VAL A 673 3.07 1.14 23.65
C VAL A 673 4.24 0.32 24.21
N SER A 674 3.93 -0.65 25.08
CA SER A 674 4.93 -1.60 25.55
C SER A 674 5.02 -2.73 24.55
N ASN A 675 6.16 -3.42 24.52
CA ASN A 675 6.40 -4.43 23.51
C ASN A 675 5.35 -5.53 23.65
N GLY A 676 4.66 -5.84 22.56
CA GLY A 676 3.56 -6.80 22.64
C GLY A 676 2.31 -6.24 22.00
N SER A 677 1.20 -6.97 22.11
CA SER A 677 -0.07 -6.60 21.47
C SER A 677 -0.60 -5.26 21.97
N GLN A 678 -0.95 -4.34 21.06
CA GLN A 678 -1.62 -3.10 21.54
C GLN A 678 -3.02 -3.38 22.05
N LEU A 679 -3.71 -4.37 21.49
CA LEU A 679 -5.05 -4.69 22.00
C LEU A 679 -4.94 -5.15 23.48
N SER A 680 -3.91 -5.94 23.76
CA SER A 680 -3.69 -6.43 25.15
C SER A 680 -3.47 -5.32 26.15
N GLN A 681 -3.07 -4.17 25.60
CA GLN A 681 -2.82 -2.96 26.39
C GLN A 681 -4.02 -2.02 26.46
N GLY A 682 -5.16 -2.47 25.95
CA GLY A 682 -6.36 -1.69 26.14
C GLY A 682 -6.59 -0.72 24.97
N TYR A 683 -5.84 -0.85 23.87
CA TYR A 683 -6.14 -0.03 22.67
C TYR A 683 -7.17 -0.84 21.89
N GLN A 684 -8.43 -0.68 22.31
CA GLN A 684 -9.56 -1.46 21.80
C GLN A 684 -10.49 -0.54 21.03
N GLN A 685 -10.78 -0.90 19.79
CA GLN A 685 -11.64 -0.06 18.95
C GLN A 685 -13.06 0.10 19.49
N GLU A 686 -13.61 -1.01 19.99
CA GLU A 686 -15.00 -1.00 20.47
C GLU A 686 -15.17 -0.03 21.62
N GLY A 687 -16.02 0.99 21.43
CA GLY A 687 -16.24 1.99 22.47
C GLY A 687 -15.15 3.09 22.57
N TRP A 688 -14.13 3.04 21.72
CA TRP A 688 -13.00 3.98 21.81
C TRP A 688 -13.50 5.40 21.52
N ASP A 689 -13.18 6.34 22.39
CA ASP A 689 -13.59 7.73 22.13
C ASP A 689 -12.58 8.37 21.13
N TRP A 690 -13.01 8.53 19.87
CA TRP A 690 -12.09 8.97 18.80
C TRP A 690 -11.58 10.42 19.05
N ASN A 691 -12.29 11.17 19.90
CA ASN A 691 -11.88 12.52 20.32
C ASN A 691 -10.63 12.51 21.18
N ARG A 692 -10.42 11.40 21.87
CA ARG A 692 -9.43 11.35 22.94
C ARG A 692 -8.24 10.46 22.60
N MET A 693 -7.49 10.91 21.58
CA MET A 693 -6.29 10.19 21.18
C MET A 693 -5.21 10.64 22.15
N GLU A 694 -4.43 9.69 22.70
CA GLU A 694 -3.48 10.02 23.76
C GLU A 694 -2.46 11.13 23.34
N GLY A 695 -2.37 12.16 24.17
CA GLY A 695 -1.51 13.32 23.97
C GLY A 695 -2.13 14.49 23.19
N ALA A 696 -3.15 14.21 22.37
CA ALA A 696 -3.77 15.23 21.48
C ALA A 696 -4.55 16.31 22.21
N THR A 697 -4.52 17.53 21.67
CA THR A 697 -5.49 18.55 22.06
C THR A 697 -6.54 18.56 20.97
N THR A 698 -7.80 18.43 21.36
CA THR A 698 -8.87 18.25 20.36
C THR A 698 -10.08 19.03 20.79
N ILE A 699 -11.02 19.24 19.87
CA ILE A 699 -12.38 19.63 20.28
C ILE A 699 -13.20 18.36 20.40
N HIS A 700 -13.81 18.14 21.57
CA HIS A 700 -14.62 16.93 21.75
C HIS A 700 -15.92 17.15 20.98
N LEU A 701 -16.17 16.30 19.99
CA LEU A 701 -17.34 16.43 19.11
C LEU A 701 -18.19 15.17 19.07
N PRO A 702 -19.50 15.34 18.83
CA PRO A 702 -20.37 14.20 18.48
C PRO A 702 -19.77 13.53 17.25
N LEU A 703 -19.91 12.22 17.13
CA LEU A 703 -19.26 11.54 16.01
C LEU A 703 -19.74 12.03 14.65
N LYS A 704 -20.99 12.48 14.56
CA LYS A 704 -21.52 12.97 13.29
C LYS A 704 -20.73 14.23 12.82
N ASP A 705 -20.26 15.01 13.79
CA ASP A 705 -19.42 16.16 13.49
C ASP A 705 -17.92 15.86 13.31
N LEU A 706 -17.44 14.83 14.01
CA LEU A 706 -16.06 14.43 13.94
C LEU A 706 -15.76 13.72 12.61
N ASP A 707 -16.78 13.03 12.07
CA ASP A 707 -16.66 12.32 10.79
C ASP A 707 -16.14 13.28 9.71
N SER A 708 -15.30 12.77 8.81
CA SER A 708 -14.75 13.60 7.75
C SER A 708 -15.91 14.25 6.96
N PRO A 709 -15.76 15.52 6.62
CA PRO A 709 -16.80 16.22 5.85
C PRO A 709 -16.82 15.83 4.37
N LYS A 710 -15.84 15.09 3.87
CA LYS A 710 -15.91 14.54 2.50
C LYS A 710 -16.48 13.13 2.52
N PRO A 711 -17.52 12.85 1.73
CA PRO A 711 -18.07 11.48 1.71
C PRO A 711 -17.11 10.42 1.19
N HIS A 712 -16.11 10.82 0.39
CA HIS A 712 -15.11 9.89 -0.13
C HIS A 712 -13.74 10.17 0.50
N THR A 713 -12.78 10.71 -0.22
CA THR A 713 -11.41 10.72 0.33
C THR A 713 -11.04 12.09 0.86
N LEU A 714 -10.38 12.11 2.02
CA LEU A 714 -9.78 13.34 2.54
C LEU A 714 -8.45 12.99 3.19
N MET A 715 -7.37 13.63 2.74
CA MET A 715 -6.08 13.47 3.37
C MET A 715 -5.66 14.88 3.82
N GLN A 716 -6.20 15.31 4.98
CA GLN A 716 -6.10 16.72 5.39
C GLN A 716 -4.68 17.12 5.76
N ARG A 717 -4.11 18.01 4.96
CA ARG A 717 -2.79 18.52 5.24
C ARG A 717 -2.87 19.78 6.09
N GLY A 718 -1.77 20.08 6.76
CA GLY A 718 -1.72 21.24 7.61
C GLY A 718 -1.47 22.55 6.90
N GLU A 719 -1.33 23.60 7.72
CA GLU A 719 -1.43 24.97 7.24
C GLU A 719 -0.06 25.64 7.14
N ARG A 720 0.99 24.99 7.65
CA ARG A 720 2.35 25.50 7.47
C ARG A 720 3.33 24.36 7.39
N GLY A 721 4.54 24.62 6.89
CA GLY A 721 5.51 23.54 6.76
C GLY A 721 6.11 23.03 8.09
N PHE A 722 6.14 23.87 9.08
CA PHE A 722 6.85 23.52 10.34
C PHE A 722 5.91 22.81 11.34
N SER A 723 6.26 21.57 11.67
CA SER A 723 5.76 20.79 12.81
C SER A 723 6.42 19.43 12.65
N GLY A 724 6.83 18.84 13.77
CA GLY A 724 7.50 17.55 13.76
C GLY A 724 8.45 17.41 14.94
N THR A 725 9.57 16.75 14.75
CA THR A 725 10.45 16.46 15.89
C THR A 725 11.92 16.63 15.62
N SER A 726 12.72 16.46 16.67
CA SER A 726 14.17 16.49 16.49
C SER A 726 14.80 15.64 17.58
N SER A 727 16.10 15.42 17.48
CA SER A 727 16.78 14.54 18.40
C SER A 727 18.16 15.10 18.83
N LEU A 728 18.69 14.56 19.93
CA LEU A 728 19.95 14.98 20.48
C LEU A 728 20.65 13.72 20.99
N GLU A 729 21.87 13.53 20.53
CA GLU A 729 22.73 12.42 20.96
C GLU A 729 22.10 11.01 20.80
N GLY A 730 21.09 10.89 19.93
CA GLY A 730 20.36 9.64 19.76
C GLY A 730 19.56 9.22 21.00
N GLN A 731 19.43 10.09 21.98
CA GLN A 731 18.83 9.71 23.26
C GLN A 731 17.67 10.61 23.64
N TYR A 732 17.75 11.89 23.28
CA TYR A 732 16.72 12.86 23.68
C TYR A 732 15.95 13.40 22.49
N GLY A 733 14.70 13.78 22.71
CA GLY A 733 13.87 14.28 21.62
C GLY A 733 12.98 15.44 21.97
N MET A 734 12.53 16.18 20.96
CA MET A 734 11.52 17.18 21.21
C MET A 734 10.49 17.14 20.05
N MET A 735 9.20 17.17 20.36
CA MET A 735 8.21 17.45 19.33
C MET A 735 7.79 18.91 19.44
N ALA A 736 7.56 19.52 18.27
CA ALA A 736 6.95 20.83 18.17
C ALA A 736 5.75 20.76 17.22
N PHE A 737 4.57 21.12 17.69
CA PHE A 737 3.36 20.96 16.90
C PHE A 737 2.58 22.23 16.93
N ASN A 738 2.50 22.89 15.77
CA ASN A 738 1.71 24.11 15.66
C ASN A 738 0.32 23.73 15.14
N LEU A 739 -0.70 23.76 16.00
CA LEU A 739 -2.00 23.25 15.60
C LEU A 739 -2.77 24.42 14.98
N ILE A 740 -3.00 24.32 13.66
CA ILE A 740 -3.74 25.34 12.91
C ILE A 740 -4.73 24.65 12.01
N TYR A 741 -5.93 25.22 11.91
CA TYR A 741 -6.99 24.61 11.10
C TYR A 741 -7.20 25.43 9.82
N PRO A 742 -7.87 24.85 8.82
CA PRO A 742 -8.12 25.57 7.57
C PRO A 742 -9.07 26.76 7.76
N ALA A 743 -8.97 27.67 6.82
CA ALA A 743 -9.79 28.88 6.78
C ALA A 743 -11.28 28.56 6.76
N ASN A 744 -11.68 27.54 6.01
CA ASN A 744 -13.09 27.29 5.80
C ASN A 744 -13.30 25.86 5.30
N LEU A 745 -13.06 24.89 6.18
CA LEU A 745 -13.40 23.51 5.88
C LEU A 745 -14.54 23.16 6.80
N GLU A 746 -15.60 22.64 6.21
CA GLU A 746 -16.78 22.31 7.00
C GLU A 746 -16.42 21.38 8.17
N ARG A 747 -16.96 21.69 9.35
CA ARG A 747 -16.78 20.89 10.59
C ARG A 747 -15.45 21.17 11.27
N PHE A 748 -14.56 21.94 10.62
CA PHE A 748 -13.28 22.33 11.21
C PHE A 748 -13.40 23.75 11.71
N ASP A 749 -13.26 23.93 13.03
CA ASP A 749 -13.32 25.27 13.62
C ASP A 749 -12.12 26.10 13.16
N PRO A 750 -12.31 27.17 12.36
CA PRO A 750 -11.16 27.89 11.81
C PRO A 750 -10.30 28.57 12.85
N ASN A 751 -10.81 28.75 14.06
CA ASN A 751 -10.06 29.45 15.11
C ASN A 751 -9.53 28.51 16.19
N PHE A 752 -9.65 27.20 15.92
CA PHE A 752 -8.98 26.22 16.81
C PHE A 752 -7.47 26.27 16.67
N THR A 753 -6.77 26.57 17.76
CA THR A 753 -5.33 26.67 17.72
C THR A 753 -4.69 26.07 18.98
N ALA A 754 -3.42 25.69 18.87
CA ALA A 754 -2.62 25.33 20.04
C ALA A 754 -1.17 25.30 19.65
N LYS A 755 -0.31 25.54 20.63
CA LYS A 755 1.09 25.22 20.46
C LYS A 755 1.41 24.14 21.48
N LYS A 756 1.96 23.02 21.00
CA LYS A 756 2.15 21.81 21.83
C LYS A 756 3.58 21.30 21.64
N SER A 757 4.34 21.20 22.73
CA SER A 757 5.71 20.75 22.64
C SER A 757 5.91 19.63 23.63
N VAL A 758 6.82 18.72 23.31
CA VAL A 758 7.12 17.62 24.22
C VAL A 758 8.62 17.47 24.26
N LEU A 759 9.17 17.25 25.43
CA LEU A 759 10.60 16.95 25.54
C LEU A 759 10.73 15.56 26.19
N ALA A 760 11.41 14.65 25.48
CA ALA A 760 11.48 13.23 25.89
C ALA A 760 12.90 12.87 26.24
N ALA A 761 13.10 12.27 27.41
CA ALA A 761 14.42 11.83 27.84
C ALA A 761 14.32 10.71 28.87
N ASP A 762 15.09 9.66 28.63
CA ASP A 762 15.18 8.55 29.56
C ASP A 762 13.78 8.05 29.88
N ASN A 763 13.42 7.93 31.15
CA ASN A 763 12.14 7.35 31.54
C ASN A 763 10.94 8.30 31.51
N HIS A 764 11.11 9.52 30.99
CA HIS A 764 10.05 10.53 31.17
C HIS A 764 9.88 11.43 29.94
N LEU A 765 8.73 12.10 29.93
CA LEU A 765 8.39 13.07 28.91
C LEU A 765 7.70 14.23 29.59
N ILE A 766 8.03 15.45 29.13
CA ILE A 766 7.48 16.68 29.67
C ILE A 766 6.61 17.28 28.54
N PHE A 767 5.31 17.46 28.82
CA PHE A 767 4.33 17.96 27.81
C PHE A 767 3.96 19.37 28.21
N ILE A 768 4.05 20.33 27.27
CA ILE A 768 3.51 21.66 27.57
C ILE A 768 2.70 22.18 26.38
N GLY A 769 1.73 23.04 26.67
CA GLY A 769 0.79 23.54 25.68
C GLY A 769 0.53 25.00 26.00
N SER A 770 0.38 25.83 24.98
CA SER A 770 0.07 27.24 25.19
C SER A 770 -0.80 27.70 24.04
N ASN A 771 -1.37 28.89 24.21
CA ASN A 771 -2.08 29.59 23.12
C ASN A 771 -3.18 28.72 22.55
N ILE A 772 -3.88 28.02 23.44
CA ILE A 772 -4.99 27.18 23.02
C ILE A 772 -6.25 28.02 22.92
N ASN A 773 -6.93 27.92 21.78
CA ASN A 773 -8.10 28.74 21.52
C ASN A 773 -9.08 28.02 20.61
N SER A 774 -10.32 28.52 20.56
CA SER A 774 -11.30 28.03 19.61
C SER A 774 -12.30 29.12 19.31
N SER A 775 -13.28 28.84 18.45
CA SER A 775 -14.33 29.87 18.20
C SER A 775 -15.29 30.07 19.39
N ASP A 776 -15.29 29.12 20.32
CA ASP A 776 -16.27 29.11 21.39
C ASP A 776 -15.64 29.06 22.80
N LYS A 777 -14.64 29.89 23.03
CA LYS A 777 -14.07 30.10 24.37
C LYS A 777 -13.60 28.78 24.94
N ASN A 778 -13.03 27.96 24.08
CA ASN A 778 -12.48 26.63 24.46
C ASN A 778 -13.50 25.66 25.04
N LYS A 779 -14.78 25.88 24.71
CA LYS A 779 -15.79 24.90 25.06
C LYS A 779 -15.45 23.55 24.41
N ASN A 780 -15.51 22.46 25.16
CA ASN A 780 -15.20 21.12 24.65
C ASN A 780 -13.74 20.92 24.20
N VAL A 781 -12.88 21.91 24.47
CA VAL A 781 -11.44 21.76 24.13
C VAL A 781 -10.74 20.99 25.25
N GLU A 782 -10.02 19.95 24.87
CA GLU A 782 -9.51 18.95 25.80
C GLU A 782 -8.10 18.48 25.39
N THR A 783 -7.26 18.15 26.35
CA THR A 783 -6.01 17.47 26.07
C THR A 783 -6.02 16.09 26.80
N THR A 784 -5.85 14.99 26.08
CA THR A 784 -6.02 13.64 26.66
C THR A 784 -4.70 13.16 27.20
N LEU A 785 -4.68 12.80 28.50
CA LEU A 785 -3.49 12.19 29.06
C LEU A 785 -3.37 10.73 28.61
N PHE A 786 -4.46 9.99 28.74
CA PHE A 786 -4.49 8.60 28.28
C PHE A 786 -5.94 8.13 28.12
N GLN A 787 -6.11 7.05 27.40
CA GLN A 787 -7.37 6.32 27.30
C GLN A 787 -7.06 4.84 27.04
N HIS A 788 -7.63 3.91 27.83
CA HIS A 788 -7.41 2.50 27.51
C HIS A 788 -8.61 1.72 28.08
N ALA A 789 -8.89 0.57 27.48
CA ALA A 789 -10.00 -0.30 27.90
C ALA A 789 -9.70 -0.85 29.28
N ILE A 790 -10.77 -1.15 30.04
CA ILE A 790 -10.69 -1.79 31.36
C ILE A 790 -10.95 -3.28 31.15
N THR A 791 -10.02 -4.12 31.63
CA THR A 791 -10.20 -5.59 31.62
C THR A 791 -9.66 -6.13 32.95
N PRO A 792 -9.88 -7.43 33.27
CA PRO A 792 -9.29 -8.00 34.50
C PRO A 792 -7.79 -7.74 34.68
N THR A 793 -7.03 -7.75 33.59
CA THR A 793 -5.60 -7.47 33.66
C THR A 793 -5.30 -5.96 33.65
N LEU A 794 -6.21 -5.17 33.08
CA LEU A 794 -6.10 -3.73 33.10
C LEU A 794 -7.24 -3.16 33.92
N ASN A 795 -7.23 -3.39 35.24
CA ASN A 795 -8.39 -3.02 36.02
C ASN A 795 -8.17 -1.91 37.03
N THR A 796 -6.91 -1.55 37.30
CA THR A 796 -6.59 -0.54 38.34
C THR A 796 -6.12 0.78 37.75
N LEU A 797 -6.49 1.86 38.43
CA LEU A 797 -5.93 3.18 38.21
C LEU A 797 -5.42 3.63 39.57
N TRP A 798 -4.21 4.15 39.64
CA TRP A 798 -3.78 4.78 40.90
C TRP A 798 -4.06 6.26 40.77
N ILE A 799 -4.70 6.84 41.78
CA ILE A 799 -4.78 8.29 41.89
C ILE A 799 -4.22 8.81 43.25
N ASN A 800 -3.10 9.53 43.27
CA ASN A 800 -2.64 10.12 44.54
C ASN A 800 -2.47 9.05 45.63
N GLY A 801 -1.89 7.92 45.25
CA GLY A 801 -1.57 6.86 46.19
C GLY A 801 -2.74 5.94 46.50
N GLN A 802 -3.87 6.16 45.83
CA GLN A 802 -5.09 5.40 46.05
C GLN A 802 -5.44 4.55 44.84
N LYS A 803 -5.69 3.28 45.08
CA LYS A 803 -6.07 2.33 44.03
C LYS A 803 -7.55 2.49 43.73
N ILE A 804 -7.88 2.76 42.48
CA ILE A 804 -9.29 2.88 42.08
C ILE A 804 -9.64 1.73 41.14
N GLU A 805 -10.69 1.01 41.47
CA GLU A 805 -11.16 -0.04 40.57
C GLU A 805 -12.61 0.07 40.18
N ASN A 806 -13.39 0.88 40.90
CA ASN A 806 -14.82 1.08 40.62
C ASN A 806 -15.13 1.45 39.17
N MET A 807 -16.24 0.92 38.64
CA MET A 807 -16.73 1.37 37.34
C MET A 807 -18.25 1.39 37.40
N PRO A 808 -18.85 2.56 37.29
CA PRO A 808 -18.20 3.79 36.84
C PRO A 808 -17.52 4.55 37.96
N TYR A 809 -16.61 5.45 37.60
CA TYR A 809 -15.93 6.31 38.55
C TYR A 809 -15.66 7.65 37.87
N GLN A 810 -15.90 8.77 38.55
CA GLN A 810 -15.41 10.06 38.05
C GLN A 810 -14.75 10.84 39.19
N THR A 811 -13.74 11.65 38.86
CA THR A 811 -13.20 12.64 39.78
C THR A 811 -12.47 13.75 38.99
N THR A 812 -12.12 14.84 39.67
CA THR A 812 -11.40 15.91 38.98
C THR A 812 -10.14 16.19 39.76
N LEU A 813 -9.05 16.40 39.04
CA LEU A 813 -7.76 16.62 39.62
C LEU A 813 -7.22 17.98 39.18
N GLN A 814 -6.07 18.34 39.71
CA GLN A 814 -5.45 19.63 39.47
C GLN A 814 -3.94 19.53 39.66
N GLN A 815 -3.26 20.67 39.47
CA GLN A 815 -1.83 20.78 39.69
C GLN A 815 -1.39 20.11 41.01
N GLY A 816 -0.35 19.29 40.94
CA GLY A 816 0.21 18.58 42.07
C GLY A 816 -0.35 17.17 42.24
N ASP A 817 -1.44 16.84 41.56
CA ASP A 817 -2.02 15.49 41.56
C ASP A 817 -1.36 14.55 40.60
N TRP A 818 -1.43 13.26 40.89
CA TRP A 818 -0.88 12.27 39.98
C TRP A 818 -1.77 11.01 39.78
N LEU A 819 -1.61 10.37 38.61
CA LEU A 819 -2.26 9.11 38.25
C LEU A 819 -1.25 8.11 37.71
N ILE A 820 -1.58 6.81 37.79
CA ILE A 820 -0.88 5.80 37.04
C ILE A 820 -1.97 4.98 36.33
N ASP A 821 -1.85 4.81 35.01
CA ASP A 821 -2.78 3.98 34.29
C ASP A 821 -2.43 2.49 34.42
N SER A 822 -3.21 1.60 33.78
CA SER A 822 -3.00 0.15 34.01
C SER A 822 -1.80 -0.39 33.28
N ASN A 823 -1.19 0.45 32.42
CA ASN A 823 -0.03 0.05 31.66
C ASN A 823 1.24 0.60 32.32
N GLY A 824 1.13 1.08 33.55
CA GLY A 824 2.31 1.48 34.28
C GLY A 824 2.87 2.87 33.93
N ASN A 825 2.09 3.69 33.24
CA ASN A 825 2.54 5.08 32.97
C ASN A 825 2.01 5.99 34.04
N GLY A 826 2.89 6.82 34.59
CA GLY A 826 2.56 7.80 35.63
C GLY A 826 2.36 9.16 34.98
N TYR A 827 1.32 9.86 35.37
CA TYR A 827 1.02 11.23 34.90
C TYR A 827 1.05 12.16 36.08
N LEU A 828 1.98 13.09 36.09
CA LEU A 828 2.01 14.10 37.13
C LEU A 828 1.50 15.44 36.56
N ILE A 829 0.41 15.97 37.13
CA ILE A 829 -0.23 17.21 36.62
C ILE A 829 0.57 18.39 37.20
N THR A 830 1.20 19.17 36.33
CA THR A 830 2.10 20.22 36.84
C THR A 830 1.55 21.62 36.56
N GLN A 831 0.68 21.77 35.55
CA GLN A 831 -0.05 23.03 35.37
C GLN A 831 -1.39 22.77 34.68
N ALA A 832 -2.49 22.91 35.41
CA ALA A 832 -3.86 22.70 34.89
C ALA A 832 -4.83 22.98 36.01
N GLU A 833 -5.92 23.63 35.71
CA GLU A 833 -6.93 23.93 36.73
C GLU A 833 -7.86 22.74 36.93
N LYS A 834 -8.08 21.99 35.85
CA LYS A 834 -9.14 20.99 35.83
C LYS A 834 -8.78 19.81 34.96
N VAL A 835 -8.55 18.66 35.60
CA VAL A 835 -8.26 17.42 34.89
C VAL A 835 -9.35 16.44 35.27
N ASN A 836 -10.12 15.98 34.30
CA ASN A 836 -11.13 14.97 34.56
C ASN A 836 -10.59 13.59 34.44
N VAL A 837 -11.07 12.70 35.32
CA VAL A 837 -10.65 11.31 35.29
C VAL A 837 -11.96 10.55 35.24
N SER A 838 -12.05 9.54 34.37
CA SER A 838 -13.28 8.79 34.19
C SER A 838 -13.05 7.29 33.87
N ARG A 839 -13.79 6.45 34.57
CA ARG A 839 -13.88 5.04 34.27
C ARG A 839 -15.36 4.82 33.96
N GLN A 840 -15.69 4.53 32.70
CA GLN A 840 -17.07 4.61 32.26
C GLN A 840 -17.34 3.71 31.06
N HIS A 841 -18.59 3.32 30.93
CA HIS A 841 -19.10 2.70 29.73
C HIS A 841 -19.13 3.77 28.62
N GLN A 842 -18.62 3.47 27.44
CA GLN A 842 -18.60 4.42 26.32
C GLN A 842 -19.23 3.81 25.09
N VAL A 843 -20.02 4.61 24.37
CA VAL A 843 -20.58 4.19 23.06
C VAL A 843 -19.78 4.91 21.95
N SER A 844 -19.40 4.16 20.91
CA SER A 844 -18.61 4.78 19.83
C SER A 844 -19.15 4.18 18.55
N ALA A 845 -18.38 4.28 17.48
CA ALA A 845 -18.71 3.62 16.21
C ALA A 845 -17.41 3.21 15.54
N GLU A 846 -17.46 2.11 14.77
CA GLU A 846 -16.24 1.61 14.15
C GLU A 846 -15.94 2.38 12.86
N ASN A 847 -14.69 2.29 12.43
CA ASN A 847 -14.15 3.31 11.56
C ASN A 847 -14.48 3.06 10.11
N LYS A 848 -15.00 1.87 9.81
CA LYS A 848 -15.26 1.52 8.40
C LYS A 848 -16.67 1.88 7.96
N ASN A 849 -17.66 1.37 8.68
CA ASN A 849 -19.05 1.60 8.30
C ASN A 849 -19.88 2.35 9.36
N ARG A 850 -19.18 2.92 10.36
CA ARG A 850 -19.82 3.75 11.37
C ARG A 850 -20.87 3.00 12.19
N GLN A 851 -20.76 1.69 12.31
CA GLN A 851 -21.73 0.93 13.11
C GLN A 851 -21.38 1.03 14.60
N PRO A 852 -22.39 0.99 15.47
CA PRO A 852 -22.21 1.25 16.90
C PRO A 852 -21.32 0.23 17.58
N THR A 853 -20.48 0.71 18.47
CA THR A 853 -19.71 -0.20 19.34
C THR A 853 -19.81 0.28 20.78
N GLU A 854 -19.30 -0.52 21.73
CA GLU A 854 -19.36 -0.16 23.15
C GLU A 854 -18.16 -0.77 23.84
N GLY A 855 -17.75 -0.19 24.95
CA GLY A 855 -16.71 -0.77 25.79
C GLY A 855 -16.52 0.05 27.04
N ASN A 856 -15.79 -0.50 28.01
CA ASN A 856 -15.49 0.18 29.27
C ASN A 856 -14.07 0.71 29.26
N PHE A 857 -13.92 2.00 29.59
CA PHE A 857 -12.60 2.66 29.49
C PHE A 857 -12.18 3.48 30.70
N SER A 858 -10.88 3.49 30.96
CA SER A 858 -10.27 4.44 31.92
C SER A 858 -9.62 5.52 31.10
N SER A 859 -9.85 6.77 31.48
CA SER A 859 -9.24 7.87 30.75
C SER A 859 -9.11 9.10 31.63
N ALA A 860 -8.23 10.02 31.23
CA ALA A 860 -8.17 11.29 31.90
C ALA A 860 -7.84 12.37 30.87
N TRP A 861 -8.40 13.56 31.04
CA TRP A 861 -8.12 14.62 30.09
C TRP A 861 -8.16 15.96 30.81
N ILE A 862 -7.41 16.92 30.29
CA ILE A 862 -7.47 18.31 30.77
C ILE A 862 -8.63 19.05 30.10
N ASP A 863 -9.46 19.73 30.90
CA ASP A 863 -10.59 20.51 30.41
C ASP A 863 -10.15 21.95 30.28
N HIS A 864 -9.96 22.40 29.04
CA HIS A 864 -9.45 23.75 28.78
C HIS A 864 -10.48 24.88 28.82
N SER A 865 -11.76 24.51 28.98
CA SER A 865 -12.84 25.51 29.07
C SER A 865 -12.80 26.46 30.29
N THR A 866 -11.93 26.16 31.28
CA THR A 866 -11.70 27.05 32.45
C THR A 866 -11.00 28.32 32.04
N ARG A 867 -10.43 28.32 30.84
CA ARG A 867 -9.67 29.46 30.36
C ARG A 867 -10.14 29.77 28.93
N PRO A 868 -11.00 30.78 28.79
CA PRO A 868 -11.60 31.10 27.47
C PRO A 868 -10.61 31.56 26.39
N LYS A 869 -9.46 32.07 26.76
CA LYS A 869 -8.51 32.57 25.78
C LYS A 869 -7.12 32.12 26.17
N ASP A 870 -6.36 31.58 25.19
CA ASP A 870 -4.97 31.17 25.38
C ASP A 870 -4.84 30.26 26.57
N ALA A 871 -5.66 29.20 26.58
CA ALA A 871 -5.48 28.11 27.53
C ALA A 871 -4.10 27.42 27.41
N SER A 872 -3.72 26.67 28.43
CA SER A 872 -2.37 26.14 28.49
C SER A 872 -2.37 24.89 29.37
N TYR A 873 -1.33 24.08 29.29
CA TYR A 873 -1.14 22.97 30.24
C TYR A 873 0.32 22.64 30.42
N GLU A 874 0.62 21.87 31.47
CA GLU A 874 1.88 21.18 31.61
C GLU A 874 1.59 19.90 32.36
N TYR A 875 2.26 18.81 31.99
CA TYR A 875 2.24 17.57 32.76
C TYR A 875 3.43 16.75 32.39
N MET A 876 3.70 15.71 33.16
CA MET A 876 4.89 14.93 32.93
C MET A 876 4.50 13.48 33.05
N VAL A 877 5.03 12.65 32.16
CA VAL A 877 4.80 11.20 32.13
C VAL A 877 6.05 10.47 32.56
N PHE A 878 5.89 9.48 33.46
CA PHE A 878 6.99 8.58 33.80
C PHE A 878 6.65 7.15 33.32
N LEU A 879 7.50 6.59 32.50
CA LEU A 879 7.26 5.32 31.79
C LEU A 879 7.46 4.05 32.64
N ASP A 880 8.07 4.26 33.80
CA ASP A 880 8.30 3.16 34.73
C ASP A 880 7.71 3.50 36.09
N ALA A 881 6.52 4.05 36.08
CA ALA A 881 5.98 4.63 37.30
C ALA A 881 5.53 3.54 38.29
N THR A 882 5.71 3.81 39.59
CA THR A 882 5.09 3.02 40.65
C THR A 882 4.52 4.03 41.64
N PRO A 883 3.60 3.64 42.53
CA PRO A 883 3.09 4.56 43.54
C PRO A 883 4.23 5.25 44.31
N GLU A 884 5.26 4.47 44.64
CA GLU A 884 6.47 4.96 45.30
C GLU A 884 7.22 6.03 44.48
N LYS A 885 7.66 5.67 43.27
CA LYS A 885 8.35 6.61 42.41
C LYS A 885 7.52 7.88 42.13
N MET A 886 6.20 7.75 42.01
CA MET A 886 5.34 8.95 41.78
C MET A 886 5.29 9.88 42.99
N GLY A 887 5.27 9.31 44.20
CA GLY A 887 5.43 10.12 45.40
C GLY A 887 6.75 10.90 45.42
N GLU A 888 7.84 10.24 45.06
CA GLU A 888 9.12 10.92 44.92
C GLU A 888 9.11 12.06 43.88
N MET A 889 8.53 11.79 42.72
CA MET A 889 8.41 12.84 41.69
C MET A 889 7.54 14.03 42.14
N ALA A 890 6.40 13.77 42.78
CA ALA A 890 5.52 14.86 43.25
C ALA A 890 6.20 15.75 44.28
N GLN A 891 6.99 15.12 45.15
CA GLN A 891 7.77 15.82 46.16
C GLN A 891 8.82 16.70 45.47
N LYS A 892 9.55 16.13 44.50
CA LYS A 892 10.52 16.89 43.70
C LYS A 892 9.90 18.09 43.02
N PHE A 893 8.68 17.91 42.50
CA PHE A 893 7.91 18.99 41.89
C PHE A 893 7.62 20.10 42.91
N ARG A 894 7.17 19.70 44.10
CA ARG A 894 6.86 20.66 45.15
C ARG A 894 8.06 21.45 45.69
N GLU A 895 9.27 20.95 45.45
CA GLU A 895 10.51 21.64 45.88
C GLU A 895 10.98 22.65 44.83
N ASN A 896 10.19 23.72 44.63
CA ASN A 896 10.49 24.73 43.60
C ASN A 896 10.66 24.08 42.20
N ASN A 897 9.83 23.10 41.92
CA ASN A 897 9.96 22.26 40.72
C ASN A 897 11.37 21.79 40.33
N GLY A 898 11.84 20.77 41.04
CA GLY A 898 13.12 20.14 40.76
C GLY A 898 13.13 19.21 39.54
N LEU A 899 12.00 19.16 38.84
CA LEU A 899 11.89 18.25 37.70
C LEU A 899 12.29 18.93 36.41
N TYR A 900 11.80 20.14 36.21
CA TYR A 900 12.01 20.85 34.92
C TYR A 900 11.70 22.33 35.10
N GLN A 901 12.05 23.15 34.11
CA GLN A 901 11.65 24.54 34.18
C GLN A 901 11.28 24.97 32.76
N VAL A 902 10.18 25.68 32.63
CA VAL A 902 9.78 26.22 31.33
C VAL A 902 10.32 27.62 31.22
N LEU A 903 11.30 27.80 30.35
CA LEU A 903 11.96 29.10 30.23
C LEU A 903 11.24 30.08 29.32
N ARG A 904 10.47 29.53 28.37
CA ARG A 904 9.59 30.35 27.55
C ARG A 904 8.39 29.51 27.10
N LYS A 905 7.23 30.15 27.02
CA LYS A 905 6.01 29.43 26.70
C LYS A 905 5.07 30.41 26.00
N ASP A 906 5.40 30.77 24.77
CA ASP A 906 4.56 31.71 24.05
C ASP A 906 4.43 31.31 22.59
N LYS A 907 3.71 32.12 21.81
CA LYS A 907 3.51 31.84 20.39
C LYS A 907 4.78 31.74 19.55
N ASP A 908 5.90 32.31 20.02
CA ASP A 908 7.13 32.26 19.22
C ASP A 908 8.09 31.14 19.61
N VAL A 909 8.28 30.93 20.90
CA VAL A 909 9.22 29.90 21.34
C VAL A 909 8.66 29.18 22.56
N HIS A 910 8.89 27.87 22.59
CA HIS A 910 8.78 27.06 23.81
C HIS A 910 10.15 26.57 24.17
N ILE A 911 10.55 26.79 25.42
CA ILE A 911 11.84 26.32 25.93
C ILE A 911 11.64 25.52 27.20
N ILE A 912 12.08 24.26 27.15
CA ILE A 912 11.94 23.34 28.30
C ILE A 912 13.30 22.87 28.75
N LEU A 913 13.67 23.23 29.98
CA LEU A 913 14.85 22.66 30.60
C LEU A 913 14.41 21.43 31.42
N ASP A 914 14.96 20.27 31.07
CA ASP A 914 14.67 19.01 31.81
C ASP A 914 15.75 18.82 32.85
N LYS A 915 15.41 18.96 34.15
CA LYS A 915 16.42 18.89 35.23
C LYS A 915 16.83 17.47 35.60
N LEU A 916 16.01 16.47 35.23
CA LEU A 916 16.40 15.08 35.42
C LEU A 916 17.53 14.67 34.47
N SER A 917 17.46 15.12 33.22
CA SER A 917 18.43 14.69 32.24
C SER A 917 19.43 15.79 31.90
N ASN A 918 19.16 17.01 32.35
CA ASN A 918 20.04 18.15 32.08
C ASN A 918 20.09 18.53 30.60
N VAL A 919 18.95 18.44 29.93
CA VAL A 919 18.88 18.73 28.50
C VAL A 919 17.88 19.86 28.33
N THR A 920 18.12 20.76 27.37
CA THR A 920 17.14 21.82 27.10
C THR A 920 16.61 21.71 25.67
N GLY A 921 15.30 21.82 25.47
CA GLY A 921 14.75 21.82 24.12
C GLY A 921 14.13 23.13 23.77
N TYR A 922 14.31 23.59 22.53
CA TYR A 922 13.87 24.92 22.08
C TYR A 922 13.05 24.74 20.81
N ALA A 923 11.75 24.95 20.91
CA ALA A 923 10.87 24.88 19.75
C ALA A 923 10.69 26.35 19.31
N PHE A 924 11.43 26.76 18.27
CA PHE A 924 11.24 28.06 17.62
C PHE A 924 10.12 27.94 16.59
N TYR A 925 8.88 28.18 17.02
CA TYR A 925 7.73 28.23 16.14
C TYR A 925 7.85 29.41 15.16
N GLN A 926 8.67 30.39 15.55
CA GLN A 926 8.97 31.53 14.67
C GLN A 926 10.44 31.87 14.90
N PRO A 927 11.14 32.41 13.89
CA PRO A 927 12.52 32.87 14.12
C PRO A 927 12.49 33.90 15.28
N ALA A 928 13.49 33.88 16.15
CA ALA A 928 13.45 34.84 17.26
C ALA A 928 14.83 35.04 17.83
N SER A 929 15.06 36.21 18.40
CA SER A 929 16.16 36.41 19.38
C SER A 929 15.59 36.09 20.77
N ILE A 930 16.36 35.46 21.63
CA ILE A 930 15.86 35.11 22.97
C ILE A 930 16.91 35.43 23.99
N GLU A 931 16.52 35.37 25.26
CA GLU A 931 17.46 35.48 26.35
C GLU A 931 17.56 34.08 26.97
N ASP A 932 18.78 33.57 27.01
CA ASP A 932 19.03 32.20 27.45
C ASP A 932 20.50 32.02 27.69
N LYS A 933 20.90 31.03 28.49
CA LYS A 933 22.34 30.83 28.75
C LYS A 933 23.10 30.42 27.48
N TRP A 934 22.50 29.53 26.69
CA TRP A 934 23.15 28.89 25.51
C TRP A 934 22.76 29.52 24.15
N ILE A 935 21.46 29.64 23.90
CA ILE A 935 20.99 30.07 22.57
C ILE A 935 20.66 31.54 22.56
N LYS A 936 21.18 32.27 21.56
CA LYS A 936 20.86 33.69 21.43
C LYS A 936 19.81 33.99 20.34
N LYS A 937 19.94 33.36 19.18
CA LYS A 937 19.07 33.72 18.07
C LYS A 937 19.02 32.56 17.05
N VAL A 938 17.88 32.40 16.39
CA VAL A 938 17.69 31.37 15.34
C VAL A 938 16.85 32.05 14.28
N ASN A 939 17.27 31.96 13.02
CA ASN A 939 16.71 32.79 11.96
C ASN A 939 15.64 32.11 11.12
N LYS A 940 15.22 30.90 11.48
CA LYS A 940 14.12 30.21 10.79
C LYS A 940 13.30 29.43 11.85
N PRO A 941 12.06 29.03 11.57
CA PRO A 941 11.36 28.10 12.48
C PRO A 941 12.26 26.85 12.55
N ALA A 942 12.56 26.38 13.77
CA ALA A 942 13.51 25.26 13.97
C ALA A 942 13.27 24.59 15.32
N ILE A 943 13.84 23.40 15.49
CA ILE A 943 13.94 22.80 16.82
C ILE A 943 15.41 22.71 17.13
N VAL A 944 15.78 23.27 18.29
CA VAL A 944 17.16 23.23 18.72
C VAL A 944 17.22 22.53 20.07
N MET A 945 18.29 21.80 20.33
CA MET A 945 18.44 21.12 21.62
C MET A 945 19.86 21.27 22.12
N THR A 946 20.03 21.42 23.44
CA THR A 946 21.37 21.53 24.03
C THR A 946 21.53 20.61 25.23
N HIS A 947 22.77 20.16 25.44
CA HIS A 947 23.18 19.39 26.61
C HIS A 947 24.62 19.80 27.00
N ARG A 948 24.76 20.44 28.15
CA ARG A 948 26.07 20.85 28.66
C ARG A 948 26.59 19.66 29.46
N GLN A 949 27.53 18.93 28.89
CA GLN A 949 28.20 17.87 29.63
C GLN A 949 29.43 18.47 30.31
N LYS A 950 30.13 17.66 31.07
CA LYS A 950 31.30 18.12 31.83
C LYS A 950 32.11 19.23 31.08
N ASP A 951 32.78 18.85 30.01
CA ASP A 951 33.64 19.81 29.34
C ASP A 951 33.12 20.29 27.98
N THR A 952 31.94 19.81 27.57
CA THR A 952 31.40 20.20 26.27
C THR A 952 29.95 20.69 26.30
N LEU A 953 29.58 21.40 25.24
CA LEU A 953 28.18 21.73 24.94
C LEU A 953 27.82 21.05 23.62
N ILE A 954 26.83 20.16 23.63
CA ILE A 954 26.35 19.56 22.41
C ILE A 954 25.11 20.32 21.98
N VAL A 955 25.05 20.72 20.71
CA VAL A 955 23.90 21.45 20.20
C VAL A 955 23.41 20.69 18.97
N SER A 956 22.10 20.41 18.90
CA SER A 956 21.47 19.85 17.71
C SER A 956 20.47 20.84 17.15
N ALA A 957 20.29 20.84 15.84
CA ALA A 957 19.25 21.63 15.23
C ALA A 957 18.71 20.95 13.98
N VAL A 958 17.49 21.32 13.60
CA VAL A 958 16.82 20.86 12.39
C VAL A 958 15.65 21.80 12.16
N THR A 959 15.09 21.83 10.95
CA THR A 959 13.68 22.12 10.87
C THR A 959 12.94 20.87 10.43
N PRO A 960 11.82 20.55 11.09
CA PRO A 960 10.99 19.42 10.63
C PRO A 960 10.25 19.74 9.34
N ASP A 961 10.31 21.00 8.89
CA ASP A 961 9.79 21.38 7.58
C ASP A 961 10.63 20.70 6.50
N LEU A 962 10.02 19.82 5.71
CA LEU A 962 10.75 19.05 4.69
C LEU A 962 11.18 19.92 3.49
N ASN A 963 10.61 21.13 3.42
CA ASN A 963 10.98 22.11 2.35
C ASN A 963 10.77 21.52 0.92
N MET A 964 9.53 21.14 0.64
CA MET A 964 9.21 20.44 -0.60
C MET A 964 7.75 20.77 -0.92
N THR A 965 7.22 20.23 -2.03
CA THR A 965 5.78 20.19 -2.25
C THR A 965 5.45 18.76 -2.74
N ARG A 966 4.19 18.54 -3.14
CA ARG A 966 3.77 17.25 -3.74
C ARG A 966 4.50 16.95 -5.06
N GLN A 967 4.99 18.01 -5.69
CA GLN A 967 5.68 17.92 -6.99
C GLN A 967 7.20 18.00 -6.85
N LYS A 968 7.68 18.89 -5.99
CA LYS A 968 9.08 19.27 -5.93
C LYS A 968 9.89 18.41 -4.96
N ALA A 969 11.14 18.13 -5.32
CA ALA A 969 12.10 17.51 -4.41
C ALA A 969 12.42 18.41 -3.22
N ALA A 970 12.60 17.79 -2.05
CA ALA A 970 13.04 18.51 -0.86
C ALA A 970 14.44 19.05 -1.09
N THR A 971 14.68 20.31 -0.74
CA THR A 971 16.02 20.82 -0.71
C THR A 971 16.41 21.28 0.70
N PRO A 972 17.71 21.32 0.98
CA PRO A 972 18.19 21.61 2.33
C PRO A 972 17.86 23.02 2.76
N VAL A 973 17.56 23.16 4.05
CA VAL A 973 17.31 24.46 4.66
C VAL A 973 18.52 24.82 5.51
N THR A 974 19.08 26.01 5.26
CA THR A 974 20.21 26.52 6.03
C THR A 974 19.66 27.26 7.28
N ILE A 975 20.09 26.83 8.46
CA ILE A 975 19.65 27.46 9.71
C ILE A 975 20.84 28.06 10.45
N ASN A 976 20.77 29.36 10.71
CA ASN A 976 21.80 30.00 11.51
C ASN A 976 21.40 30.08 12.98
N VAL A 977 22.17 29.43 13.82
CA VAL A 977 21.92 29.41 15.27
C VAL A 977 23.08 30.14 15.95
N THR A 978 22.79 31.28 16.54
CA THR A 978 23.77 32.02 17.28
C THR A 978 23.74 31.55 18.74
N ILE A 979 24.89 31.22 19.27
CA ILE A 979 24.96 30.79 20.65
C ILE A 979 25.83 31.79 21.43
N ASN A 980 25.50 31.96 22.71
CA ASN A 980 26.23 32.89 23.56
C ASN A 980 27.61 32.37 23.90
N GLY A 981 28.62 33.22 23.85
CA GLY A 981 29.96 32.82 24.25
C GLY A 981 30.82 32.36 23.09
N LYS A 982 32.08 32.04 23.40
CA LYS A 982 33.09 31.70 22.41
C LYS A 982 33.37 30.20 22.46
N TRP A 983 33.13 29.53 21.34
CA TRP A 983 33.26 28.07 21.34
C TRP A 983 34.14 27.61 20.16
N GLN A 984 34.76 26.44 20.33
CA GLN A 984 35.53 25.76 19.29
C GLN A 984 35.03 24.30 19.18
N SER A 985 35.37 23.59 18.11
CA SER A 985 34.77 22.28 17.90
C SER A 985 35.49 21.12 18.58
N ALA A 986 34.77 20.45 19.50
CA ALA A 986 35.24 19.28 20.23
C ALA A 986 35.28 17.98 19.40
N ASP A 987 35.75 18.11 18.14
CA ASP A 987 36.11 17.00 17.25
C ASP A 987 36.45 17.53 15.84
N LYS A 988 35.87 16.91 14.81
CA LYS A 988 36.12 17.23 13.40
C LYS A 988 35.24 16.35 12.47
N ASN A 989 34.68 15.29 13.06
CA ASN A 989 33.62 14.45 12.47
C ASN A 989 32.21 14.96 12.81
N SER A 990 31.70 15.87 11.97
CA SER A 990 30.43 16.62 12.13
C SER A 990 30.46 17.70 11.05
N GLU A 991 29.30 17.95 10.44
CA GLU A 991 29.22 18.79 9.26
C GLU A 991 28.63 20.17 9.54
N VAL A 992 28.32 20.46 10.80
CA VAL A 992 27.83 21.76 11.19
C VAL A 992 29.04 22.70 11.14
N LYS A 993 28.86 23.90 10.60
CA LYS A 993 29.91 24.91 10.55
C LYS A 993 29.82 25.87 11.75
N TYR A 994 30.96 26.32 12.23
CA TYR A 994 30.96 27.29 13.32
C TYR A 994 31.96 28.43 13.10
N GLN A 995 31.63 29.62 13.58
CA GLN A 995 32.44 30.83 13.40
C GLN A 995 32.24 31.69 14.63
N VAL A 996 33.30 31.91 15.41
CA VAL A 996 33.28 32.95 16.45
C VAL A 996 33.10 34.33 15.82
N SER A 997 32.14 35.08 16.34
CA SER A 997 31.85 36.41 15.86
C SER A 997 31.58 37.30 17.06
N GLY A 998 32.63 38.03 17.46
CA GLY A 998 32.58 38.91 18.61
C GLY A 998 32.58 38.09 19.88
N ASP A 999 31.59 38.34 20.72
CA ASP A 999 31.46 37.60 21.97
C ASP A 999 30.81 36.25 21.79
N ASN A 1000 30.19 36.03 20.63
CA ASN A 1000 29.31 34.90 20.39
C ASN A 1000 29.79 34.01 19.24
N THR A 1001 29.07 32.91 19.03
CA THR A 1001 29.46 31.90 18.04
C THR A 1001 28.30 31.64 17.10
N GLU A 1002 28.59 31.70 15.80
CA GLU A 1002 27.57 31.45 14.77
C GLU A 1002 27.66 30.01 14.32
N LEU A 1003 26.58 29.24 14.53
CA LEU A 1003 26.52 27.89 13.98
C LEU A 1003 25.69 27.91 12.70
N THR A 1004 26.11 27.12 11.72
CA THR A 1004 25.39 27.00 10.46
C THR A 1004 25.03 25.54 10.30
N PHE A 1005 23.73 25.25 10.42
CA PHE A 1005 23.21 23.90 10.28
C PHE A 1005 22.60 23.74 8.89
N THR A 1006 22.72 22.54 8.31
CA THR A 1006 22.00 22.21 7.06
C THR A 1006 20.95 21.12 7.34
N SER A 1007 19.68 21.49 7.24
CA SER A 1007 18.56 20.61 7.51
C SER A 1007 18.00 20.09 6.20
N TYR A 1008 18.32 18.83 5.89
CA TYR A 1008 17.81 18.19 4.69
C TYR A 1008 16.80 17.12 5.09
N PHE A 1009 15.59 17.23 4.57
CA PHE A 1009 14.52 16.26 4.85
C PHE A 1009 14.29 16.10 6.36
N GLY A 1010 14.39 17.21 7.09
CA GLY A 1010 14.11 17.16 8.51
C GLY A 1010 15.04 16.25 9.29
N ILE A 1011 16.26 16.03 8.80
CA ILE A 1011 17.24 15.16 9.46
C ILE A 1011 18.13 15.99 10.39
N PRO A 1012 18.06 15.79 11.71
CA PRO A 1012 18.87 16.61 12.61
C PRO A 1012 20.37 16.47 12.39
N GLN A 1013 21.09 17.52 12.74
CA GLN A 1013 22.56 17.51 12.80
C GLN A 1013 22.95 18.01 14.18
N GLU A 1014 24.12 17.62 14.66
CA GLU A 1014 24.58 18.12 15.94
C GLU A 1014 26.11 18.28 15.94
N ILE A 1015 26.60 19.08 16.89
CA ILE A 1015 28.02 19.36 17.04
C ILE A 1015 28.35 19.44 18.53
N LYS A 1016 29.50 18.88 18.86
CA LYS A 1016 30.06 18.91 20.21
C LYS A 1016 31.03 20.10 20.27
N LEU A 1017 30.76 21.04 21.17
CA LEU A 1017 31.55 22.26 21.27
C LEU A 1017 32.34 22.30 22.60
N SER A 1018 33.51 22.93 22.60
CA SER A 1018 34.22 23.19 23.86
C SER A 1018 34.43 24.71 23.99
N PRO A 1019 34.48 25.25 25.21
CA PRO A 1019 34.65 26.70 25.40
C PRO A 1019 36.00 27.18 24.92
N LEU A 1020 36.03 28.40 24.37
CA LEU A 1020 37.28 29.10 24.10
C LEU A 1020 37.59 30.03 25.27
N PRO A 1021 38.86 30.08 25.69
CA PRO A 1021 39.31 31.06 26.69
C PRO A 1021 39.09 32.51 26.23
NA NA B . -23.17 -21.42 -26.54
#